data_5NWA
#
_entry.id   5NWA
#
_cell.length_a   109.191
_cell.length_b   198.192
_cell.length_c   51.325
_cell.angle_alpha   90.00
_cell.angle_beta   90.00
_cell.angle_gamma   90.00
#
_symmetry.space_group_name_H-M   'P 21 21 2'
#
loop_
_entity.id
_entity.type
_entity.pdbx_description
1 polymer 'Tyrosyl-DNA phosphodiesterase 1'
2 polymer "DNA (5'-D(P*AP*AP*TP*GP*CP*GP*CP*AP*TP*TP*A)-3')"
#
loop_
_entity_poly.entity_id
_entity_poly.type
_entity_poly.pdbx_seq_one_letter_code
_entity_poly.pdbx_strand_id
1 'polypeptide(L)'
;MGSSHHHHHHSSGLVPRGSHMLEDPGEGQDIWDMLDKGNPFQFYLTRVSGVKPKYNSGALHIKDILSPLFGTLVSSAQFN
YCFDVDWLVKQYPPEFRKKPILLVHGDKREAKAHLHAQAKPYENISLCQAKLDIAFGTHHTKMMLLLYEEGLRVVIHTSN
LIHADWHQKTQGIWLSPLYPRIADGTHKSGESPTHFKANLISYLTAYNAPSLKEWIDVIHKHDLSETNVYLIGSTPGRFQ
GSQKDNWGHFRLKKLLKDHASSMPNAESWPVVGQFSSVGSLGADESKWLCSEFKESMLTLGKESKTPGKSSVPLYLIYPS
VENVRTSLEGYPAGGSLPYSIQTAEKQNWLHSYFHKWSAETSGRSNAMPHIKTYMRPSPDFSKIAWFLVTSANLSKAAWG
ALEKNGTQLMIRSYELGVLFLPSALGLDSFKVKQKFFAGSQEPMATFPVPYDLPPELYGSKDRPWIWNIPYVKAPDTHGN
MWVPS
;
A,B
2 'polydeoxyribonucleotide' (DA)(DA)(DT)(DG)(DC)(DG)(DC)(DA)(DT)(DT)(DA) C
#
# COMPACT_ATOMS: atom_id res chain seq x y z
N LYS A 37 -15.37 16.05 -13.01
CA LYS A 37 -14.82 17.39 -13.39
C LYS A 37 -14.16 18.08 -12.18
N GLY A 38 -14.89 18.17 -11.07
CA GLY A 38 -14.40 18.78 -9.82
C GLY A 38 -14.05 17.82 -8.69
N ASN A 39 -14.98 16.92 -8.34
CA ASN A 39 -14.96 16.19 -7.04
C ASN A 39 -14.04 14.95 -6.93
N PRO A 40 -13.67 14.55 -5.68
CA PRO A 40 -12.72 13.46 -5.45
C PRO A 40 -13.31 12.05 -5.31
N PHE A 41 -14.56 11.93 -4.86
CA PHE A 41 -15.15 10.63 -4.53
C PHE A 41 -15.59 9.80 -5.72
N GLN A 42 -16.08 10.47 -6.75
CA GLN A 42 -16.64 9.84 -7.93
C GLN A 42 -17.86 9.00 -7.61
N PHE A 43 -18.69 9.52 -6.72
CA PHE A 43 -19.84 8.77 -6.26
C PHE A 43 -21.19 9.35 -6.69
N TYR A 44 -21.96 8.55 -7.42
CA TYR A 44 -23.18 9.01 -8.10
C TYR A 44 -24.37 8.08 -7.83
N LEU A 45 -25.57 8.59 -8.12
CA LEU A 45 -26.80 7.82 -8.12
C LEU A 45 -27.32 7.67 -9.54
N THR A 46 -28.37 6.87 -9.72
CA THR A 46 -29.04 6.77 -11.03
C THR A 46 -30.13 7.82 -11.17
N ARG A 47 -30.37 8.20 -12.42
CA ARG A 47 -31.48 9.09 -12.76
C ARG A 47 -32.79 8.39 -12.38
N VAL A 48 -33.73 9.21 -11.88
CA VAL A 48 -35.01 8.77 -11.35
C VAL A 48 -36.13 9.52 -12.07
N SER A 49 -36.93 8.79 -12.85
CA SER A 49 -38.02 9.38 -13.60
C SER A 49 -39.13 9.76 -12.65
N GLY A 50 -39.57 11.02 -12.74
CA GLY A 50 -40.71 11.51 -11.97
C GLY A 50 -40.41 12.38 -10.76
N VAL A 51 -39.16 12.86 -10.65
CA VAL A 51 -38.78 13.87 -9.65
C VAL A 51 -38.31 15.16 -10.32
N LYS A 52 -38.22 16.22 -9.53
CA LYS A 52 -37.86 17.55 -10.01
C LYS A 52 -36.43 17.50 -10.56
N PRO A 53 -36.17 18.07 -11.77
CA PRO A 53 -34.82 17.94 -12.38
C PRO A 53 -33.65 18.45 -11.55
N LYS A 54 -33.95 19.25 -10.52
CA LYS A 54 -33.01 19.59 -9.45
C LYS A 54 -32.21 18.40 -8.96
N TYR A 55 -32.89 17.26 -8.80
CA TYR A 55 -32.29 16.05 -8.23
C TYR A 55 -31.52 15.16 -9.21
N ASN A 56 -31.92 15.17 -10.48
CA ASN A 56 -31.23 14.42 -11.52
C ASN A 56 -30.09 15.14 -12.22
N SER A 57 -29.96 16.46 -12.02
CA SER A 57 -28.73 17.16 -12.39
C SER A 57 -27.63 16.74 -11.40
N GLY A 58 -26.66 15.97 -11.91
CA GLY A 58 -25.60 15.38 -11.09
C GLY A 58 -25.80 13.91 -10.77
N ALA A 59 -26.84 13.29 -11.34
CA ALA A 59 -27.00 11.82 -11.38
C ALA A 59 -26.72 11.31 -12.80
N LEU A 60 -26.81 9.99 -13.00
CA LEU A 60 -26.39 9.38 -14.24
C LEU A 60 -27.37 8.33 -14.70
N HIS A 61 -27.64 8.31 -16.00
CA HIS A 61 -28.29 7.16 -16.62
C HIS A 61 -27.22 6.31 -17.30
N ILE A 62 -27.49 5.02 -17.46
CA ILE A 62 -26.58 4.09 -18.16
C ILE A 62 -26.03 4.59 -19.52
N LYS A 63 -26.87 5.20 -20.34
CA LYS A 63 -26.41 5.85 -21.58
C LYS A 63 -25.35 6.94 -21.37
N ASP A 64 -25.52 7.74 -20.30
CA ASP A 64 -24.51 8.72 -19.87
C ASP A 64 -23.20 8.03 -19.49
N ILE A 65 -23.28 6.83 -18.92
CA ILE A 65 -22.08 6.02 -18.61
C ILE A 65 -21.34 5.52 -19.86
N LEU A 66 -22.10 5.06 -20.85
CA LEU A 66 -21.53 4.50 -22.08
C LEU A 66 -21.35 5.54 -23.21
N SER A 67 -21.57 6.82 -22.92
CA SER A 67 -21.43 7.92 -23.88
C SER A 67 -20.08 7.91 -24.61
N PRO A 68 -20.04 8.44 -25.85
CA PRO A 68 -18.77 8.70 -26.54
C PRO A 68 -17.83 9.59 -25.75
N LEU A 69 -18.42 10.54 -25.02
CA LEU A 69 -17.73 11.46 -24.10
C LEU A 69 -16.61 10.80 -23.30
N PHE A 70 -16.89 9.63 -22.76
CA PHE A 70 -15.96 8.90 -21.89
C PHE A 70 -14.91 8.10 -22.68
N GLY A 71 -14.74 8.36 -23.99
CA GLY A 71 -13.72 7.70 -24.80
C GLY A 71 -14.31 6.79 -25.86
N THR A 72 -13.49 6.50 -26.88
CA THR A 72 -13.90 5.67 -28.00
C THR A 72 -13.74 4.22 -27.60
N LEU A 73 -14.85 3.54 -27.38
CA LEU A 73 -14.86 2.16 -26.92
C LEU A 73 -14.24 1.21 -27.94
N VAL A 74 -13.62 0.14 -27.45
CA VAL A 74 -13.11 -0.96 -28.28
C VAL A 74 -13.85 -2.26 -27.99
N SER A 75 -13.96 -2.60 -26.71
CA SER A 75 -14.79 -3.71 -26.19
C SER A 75 -15.17 -3.45 -24.75
N SER A 76 -16.29 -4.02 -24.30
CA SER A 76 -16.66 -3.98 -22.88
C SER A 76 -16.79 -5.39 -22.26
N ALA A 77 -16.93 -5.40 -20.95
CA ALA A 77 -17.35 -6.57 -20.20
C ALA A 77 -18.36 -6.12 -19.16
N GLN A 78 -19.40 -6.94 -18.97
CA GLN A 78 -20.51 -6.66 -18.06
C GLN A 78 -20.76 -7.80 -17.07
N PHE A 79 -20.45 -7.56 -15.78
CA PHE A 79 -20.66 -8.53 -14.71
C PHE A 79 -21.99 -8.17 -14.12
N ASN A 80 -22.85 -9.16 -13.88
CA ASN A 80 -24.17 -8.92 -13.26
C ASN A 80 -24.94 -10.19 -12.92
N TYR A 81 -26.07 -10.01 -12.23
CA TYR A 81 -26.96 -11.10 -11.83
C TYR A 81 -28.11 -11.34 -12.84
N CYS A 82 -28.91 -10.30 -13.12
CA CYS A 82 -30.00 -10.35 -14.14
C CYS A 82 -29.65 -9.47 -15.34
N PHE A 83 -30.17 -9.85 -16.52
CA PHE A 83 -29.87 -9.20 -17.82
C PHE A 83 -31.09 -9.15 -18.74
N ASP A 84 -31.46 -7.97 -19.23
CA ASP A 84 -32.34 -7.85 -20.40
C ASP A 84 -31.42 -7.46 -21.53
N VAL A 85 -31.19 -8.40 -22.43
CA VAL A 85 -30.11 -8.30 -23.42
C VAL A 85 -30.45 -7.30 -24.54
N ASP A 86 -31.73 -7.25 -24.92
CA ASP A 86 -32.17 -6.31 -25.94
C ASP A 86 -32.10 -4.87 -25.45
N TRP A 87 -32.65 -4.65 -24.26
CA TRP A 87 -32.59 -3.35 -23.58
C TRP A 87 -31.16 -2.91 -23.38
N LEU A 88 -30.32 -3.83 -22.91
CA LEU A 88 -28.91 -3.52 -22.66
C LEU A 88 -28.26 -2.95 -23.89
N VAL A 89 -28.39 -3.68 -25.00
CA VAL A 89 -27.74 -3.30 -26.23
C VAL A 89 -28.19 -1.91 -26.66
N LYS A 90 -29.46 -1.60 -26.48
CA LYS A 90 -29.97 -0.26 -26.80
C LYS A 90 -29.43 0.89 -25.92
N GLN A 91 -28.74 0.55 -24.81
CA GLN A 91 -28.13 1.55 -23.92
C GLN A 91 -26.78 2.02 -24.38
N TYR A 92 -26.14 1.25 -25.26
CA TYR A 92 -24.88 1.65 -25.85
C TYR A 92 -25.20 2.60 -27.02
N PRO A 93 -24.29 3.55 -27.33
CA PRO A 93 -24.44 4.38 -28.52
C PRO A 93 -24.36 3.55 -29.79
N PRO A 94 -25.13 3.91 -30.84
CA PRO A 94 -25.09 3.18 -32.12
C PRO A 94 -23.67 2.95 -32.64
N GLU A 95 -22.82 3.97 -32.55
CA GLU A 95 -21.40 3.90 -32.94
C GLU A 95 -20.67 2.73 -32.31
N PHE A 96 -20.99 2.42 -31.06
CA PHE A 96 -20.32 1.35 -30.32
C PHE A 96 -21.05 0.02 -30.24
N ARG A 97 -22.34 0.00 -30.55
CA ARG A 97 -23.17 -1.23 -30.46
C ARG A 97 -22.68 -2.55 -31.13
N LYS A 98 -21.78 -2.46 -32.10
CA LYS A 98 -21.23 -3.68 -32.72
C LYS A 98 -19.97 -4.19 -32.06
N LYS A 99 -19.35 -3.36 -31.22
CA LYS A 99 -18.09 -3.72 -30.55
C LYS A 99 -18.34 -4.74 -29.45
N PRO A 100 -17.44 -5.76 -29.32
CA PRO A 100 -17.58 -6.88 -28.39
C PRO A 100 -18.07 -6.56 -26.99
N ILE A 101 -18.90 -7.46 -26.47
CA ILE A 101 -19.27 -7.49 -25.06
C ILE A 101 -19.08 -8.93 -24.60
N LEU A 102 -18.60 -9.08 -23.37
CA LEU A 102 -18.59 -10.36 -22.68
C LEU A 102 -19.57 -10.19 -21.55
N LEU A 103 -20.55 -11.08 -21.45
CA LEU A 103 -21.44 -11.11 -20.29
C LEU A 103 -20.96 -12.13 -19.27
N VAL A 104 -20.95 -11.73 -17.99
CA VAL A 104 -20.52 -12.60 -16.87
C VAL A 104 -21.68 -12.76 -15.88
N HIS A 105 -22.22 -13.98 -15.83
CA HIS A 105 -23.43 -14.33 -15.08
C HIS A 105 -23.13 -15.57 -14.27
N GLY A 106 -24.06 -15.96 -13.40
CA GLY A 106 -23.98 -17.22 -12.65
C GLY A 106 -25.06 -18.24 -12.96
N ASP A 107 -26.01 -17.89 -13.82
CA ASP A 107 -27.14 -18.75 -14.17
C ASP A 107 -26.71 -20.09 -14.71
N LYS A 108 -27.60 -21.08 -14.57
CA LYS A 108 -27.41 -22.44 -15.08
C LYS A 108 -28.74 -23.08 -15.57
N ARG A 109 -28.62 -24.02 -16.51
CA ARG A 109 -29.77 -24.73 -17.12
C ARG A 109 -30.76 -23.86 -17.91
N GLU A 110 -31.99 -23.64 -17.41
CA GLU A 110 -33.07 -23.00 -18.18
C GLU A 110 -32.90 -21.49 -18.18
N ALA A 111 -32.51 -20.98 -17.01
CA ALA A 111 -32.04 -19.60 -16.85
C ALA A 111 -30.90 -19.31 -17.84
N LYS A 112 -29.96 -20.26 -17.92
CA LYS A 112 -28.84 -20.23 -18.86
C LYS A 112 -29.28 -20.24 -20.33
N ALA A 113 -30.07 -21.22 -20.72
CA ALA A 113 -30.51 -21.37 -22.11
C ALA A 113 -31.36 -20.18 -22.58
N HIS A 114 -32.13 -19.58 -21.65
CA HIS A 114 -32.91 -18.37 -21.92
C HIS A 114 -31.98 -17.18 -22.19
N LEU A 115 -30.97 -17.02 -21.35
CA LEU A 115 -29.97 -15.97 -21.54
C LEU A 115 -29.22 -16.19 -22.86
N HIS A 116 -28.71 -17.41 -23.07
CA HIS A 116 -27.95 -17.78 -24.30
C HIS A 116 -28.76 -17.53 -25.55
N ALA A 117 -30.05 -17.87 -25.50
CA ALA A 117 -31.01 -17.63 -26.61
C ALA A 117 -31.30 -16.15 -26.84
N GLN A 118 -31.50 -15.44 -25.74
CA GLN A 118 -31.75 -14.00 -25.74
C GLN A 118 -30.56 -13.17 -26.32
N ALA A 119 -29.36 -13.75 -26.29
CA ALA A 119 -28.15 -13.14 -26.83
C ALA A 119 -27.73 -13.74 -28.16
N LYS A 120 -28.53 -14.65 -28.69
CA LYS A 120 -28.23 -15.34 -29.95
C LYS A 120 -28.18 -14.36 -31.13
N PRO A 121 -29.18 -13.45 -31.24
CA PRO A 121 -29.19 -12.51 -32.36
C PRO A 121 -27.93 -11.66 -32.56
N TYR A 122 -27.16 -11.43 -31.49
CA TYR A 122 -25.99 -10.54 -31.52
C TYR A 122 -24.68 -11.34 -31.59
N GLU A 123 -24.00 -11.28 -32.75
CA GLU A 123 -22.75 -12.05 -33.00
C GLU A 123 -21.52 -11.60 -32.19
N ASN A 124 -21.56 -10.37 -31.66
CA ASN A 124 -20.45 -9.79 -30.87
C ASN A 124 -20.49 -10.11 -29.37
N ILE A 125 -21.68 -10.41 -28.87
CA ILE A 125 -21.84 -10.79 -27.46
C ILE A 125 -21.32 -12.19 -27.21
N SER A 126 -20.40 -12.33 -26.26
CA SER A 126 -19.99 -13.64 -25.72
C SER A 126 -20.45 -13.76 -24.29
N LEU A 127 -20.30 -14.95 -23.71
CA LEU A 127 -20.70 -15.22 -22.32
C LEU A 127 -19.67 -15.98 -21.49
N CYS A 128 -19.79 -15.85 -20.17
CA CYS A 128 -18.94 -16.53 -19.22
C CYS A 128 -19.76 -16.86 -18.00
N GLN A 129 -20.15 -18.13 -17.85
CA GLN A 129 -20.74 -18.60 -16.61
C GLN A 129 -19.66 -18.68 -15.57
N ALA A 130 -19.93 -18.17 -14.37
CA ALA A 130 -18.98 -18.28 -13.27
C ALA A 130 -19.46 -19.33 -12.29
N LYS A 131 -18.51 -20.12 -11.80
CA LYS A 131 -18.81 -21.34 -11.05
C LYS A 131 -19.27 -21.07 -9.61
N LEU A 132 -20.47 -21.58 -9.30
CA LEU A 132 -21.12 -21.43 -8.00
C LEU A 132 -21.31 -22.80 -7.36
N ASP A 133 -20.27 -23.27 -6.69
CA ASP A 133 -20.19 -24.65 -6.21
C ASP A 133 -20.82 -24.89 -4.86
N ILE A 134 -20.97 -23.85 -4.03
CA ILE A 134 -21.84 -23.89 -2.84
C ILE A 134 -23.25 -23.53 -3.28
N ALA A 135 -24.25 -24.12 -2.60
CA ALA A 135 -25.66 -23.91 -2.92
C ALA A 135 -26.20 -22.59 -2.38
N PHE A 136 -27.30 -22.15 -2.98
CA PHE A 136 -27.96 -20.86 -2.71
C PHE A 136 -27.08 -19.63 -3.02
N GLY A 137 -26.06 -19.83 -3.85
CA GLY A 137 -25.09 -18.78 -4.18
C GLY A 137 -25.54 -18.05 -5.42
N THR A 138 -25.22 -16.77 -5.48
CA THR A 138 -25.59 -15.90 -6.59
C THR A 138 -24.29 -15.29 -7.14
N HIS A 139 -24.26 -15.02 -8.45
CA HIS A 139 -23.26 -14.11 -8.99
C HIS A 139 -23.87 -12.72 -8.95
N HIS A 140 -23.61 -12.01 -7.87
CA HIS A 140 -24.27 -10.77 -7.57
C HIS A 140 -23.46 -9.50 -7.87
N THR A 141 -22.16 -9.63 -8.13
CA THR A 141 -21.30 -8.49 -8.43
C THR A 141 -21.74 -7.71 -9.66
N LYS A 142 -21.80 -6.38 -9.54
CA LYS A 142 -22.23 -5.52 -10.65
C LYS A 142 -21.09 -4.59 -11.02
N MET A 143 -20.52 -4.80 -12.20
CA MET A 143 -19.32 -4.10 -12.61
C MET A 143 -19.16 -4.06 -14.12
N MET A 144 -18.74 -2.90 -14.62
CA MET A 144 -18.39 -2.71 -16.01
C MET A 144 -16.89 -2.47 -16.10
N LEU A 145 -16.25 -3.24 -16.98
CA LEU A 145 -14.93 -2.90 -17.51
C LEU A 145 -15.22 -2.30 -18.87
N LEU A 146 -14.57 -1.17 -19.16
CA LEU A 146 -14.83 -0.40 -20.37
C LEU A 146 -13.52 0.04 -21.03
N LEU A 147 -13.12 -0.73 -22.04
CA LEU A 147 -11.88 -0.51 -22.76
C LEU A 147 -12.08 0.53 -23.85
N TYR A 148 -11.21 1.53 -23.88
CA TYR A 148 -11.17 2.50 -24.95
C TYR A 148 -9.77 2.55 -25.55
N GLU A 149 -9.67 3.33 -26.62
CA GLU A 149 -8.38 3.70 -27.22
C GLU A 149 -7.54 4.51 -26.24
N GLU A 150 -8.21 5.36 -25.45
CA GLU A 150 -7.55 6.34 -24.56
C GLU A 150 -7.24 5.81 -23.13
N GLY A 151 -7.77 4.64 -22.79
CA GLY A 151 -7.48 4.01 -21.50
C GLY A 151 -8.46 2.93 -21.08
N LEU A 152 -8.57 2.75 -19.77
CA LEU A 152 -9.51 1.81 -19.16
C LEU A 152 -10.34 2.54 -18.12
N ARG A 153 -11.62 2.17 -18.00
CA ARG A 153 -12.45 2.65 -16.91
C ARG A 153 -13.13 1.47 -16.26
N VAL A 154 -13.00 1.37 -14.94
CA VAL A 154 -13.74 0.40 -14.12
C VAL A 154 -14.92 1.10 -13.44
N VAL A 155 -16.08 0.45 -13.45
CA VAL A 155 -17.30 1.02 -12.88
C VAL A 155 -17.98 -0.01 -12.02
N ILE A 156 -18.07 0.27 -10.72
CA ILE A 156 -18.66 -0.63 -9.75
C ILE A 156 -19.97 0.03 -9.26
N HIS A 157 -21.08 -0.70 -9.37
CA HIS A 157 -22.45 -0.16 -9.13
C HIS A 157 -23.38 -1.19 -8.43
N THR A 158 -24.68 -0.86 -8.29
CA THR A 158 -25.63 -1.68 -7.52
C THR A 158 -26.92 -2.07 -8.25
N SER A 159 -27.04 -1.69 -9.53
CA SER A 159 -28.24 -1.92 -10.33
C SER A 159 -28.07 -3.15 -11.26
N ASN A 160 -29.10 -3.99 -11.33
CA ASN A 160 -29.18 -5.04 -12.34
C ASN A 160 -29.29 -4.45 -13.73
N LEU A 161 -28.98 -5.24 -14.76
CA LEU A 161 -29.14 -4.80 -16.16
C LEU A 161 -30.56 -5.12 -16.73
N ILE A 162 -31.58 -4.51 -16.13
CA ILE A 162 -32.96 -4.52 -16.63
C ILE A 162 -33.53 -3.12 -16.47
N HIS A 163 -34.46 -2.75 -17.36
CA HIS A 163 -35.00 -1.39 -17.38
C HIS A 163 -35.53 -0.92 -16.03
N ALA A 164 -36.25 -1.80 -15.33
CA ALA A 164 -36.87 -1.49 -14.05
C ALA A 164 -35.88 -1.00 -12.98
N ASP A 165 -34.61 -1.40 -13.09
CA ASP A 165 -33.61 -1.06 -12.08
C ASP A 165 -32.96 0.29 -12.27
N TRP A 166 -33.09 0.88 -13.46
CA TRP A 166 -32.58 2.24 -13.78
C TRP A 166 -33.69 3.32 -13.93
N HIS A 167 -34.92 2.93 -13.60
CA HIS A 167 -36.10 3.72 -13.86
C HIS A 167 -36.39 4.64 -12.66
N GLN A 168 -36.94 4.10 -11.57
CA GLN A 168 -37.48 4.91 -10.46
C GLN A 168 -36.91 4.49 -9.12
N LYS A 169 -35.67 4.02 -9.12
CA LYS A 169 -35.04 3.47 -7.92
C LYS A 169 -33.81 4.26 -7.58
N THR A 170 -33.35 4.01 -6.37
CA THR A 170 -32.22 4.70 -5.81
C THR A 170 -31.03 3.73 -5.81
N GLN A 171 -30.05 4.03 -6.67
CA GLN A 171 -28.87 3.17 -6.88
C GLN A 171 -27.54 3.90 -6.63
N GLY A 172 -26.45 3.14 -6.65
CA GLY A 172 -25.13 3.66 -6.33
C GLY A 172 -24.17 3.31 -7.43
N ILE A 173 -23.25 4.25 -7.71
CA ILE A 173 -22.28 4.15 -8.80
C ILE A 173 -20.95 4.72 -8.37
N TRP A 174 -19.88 4.03 -8.69
CA TRP A 174 -18.54 4.58 -8.56
C TRP A 174 -17.88 4.50 -9.94
N LEU A 175 -17.28 5.60 -10.38
CA LEU A 175 -16.44 5.62 -11.57
C LEU A 175 -14.97 5.73 -11.17
N SER A 176 -14.14 4.88 -11.75
CA SER A 176 -12.73 5.15 -11.75
C SER A 176 -12.52 6.39 -12.62
N PRO A 177 -11.30 6.93 -12.59
CA PRO A 177 -10.92 7.82 -13.67
C PRO A 177 -10.39 7.00 -14.85
N LEU A 178 -10.23 7.65 -15.98
CA LEU A 178 -9.62 7.01 -17.14
C LEU A 178 -8.19 6.60 -16.78
N TYR A 179 -7.93 5.30 -16.83
CA TYR A 179 -6.62 4.76 -16.56
C TYR A 179 -5.80 4.73 -17.85
N PRO A 180 -4.78 5.60 -17.98
CA PRO A 180 -4.00 5.62 -19.23
C PRO A 180 -3.22 4.32 -19.46
N ARG A 181 -3.00 3.95 -20.71
CA ARG A 181 -2.22 2.75 -21.01
C ARG A 181 -0.75 2.98 -20.63
N ILE A 182 -0.08 1.92 -20.18
CA ILE A 182 1.35 2.00 -19.81
C ILE A 182 2.14 1.90 -21.10
N ALA A 183 3.09 2.81 -21.29
CA ALA A 183 3.97 2.78 -22.46
C ALA A 183 4.68 1.41 -22.56
N ASP A 184 4.74 0.84 -23.78
CA ASP A 184 5.29 -0.53 -23.99
C ASP A 184 6.73 -0.72 -23.50
N GLY A 185 7.54 0.32 -23.65
CA GLY A 185 8.94 0.31 -23.20
C GLY A 185 9.08 0.45 -21.70
N THR A 186 8.26 1.29 -21.07
CA THR A 186 8.42 1.60 -19.64
C THR A 186 7.96 0.45 -18.74
N HIS A 187 8.56 0.40 -17.55
CA HIS A 187 8.24 -0.60 -16.53
C HIS A 187 7.76 0.11 -15.28
N LYS A 188 6.46 0.01 -15.02
CA LYS A 188 5.79 0.61 -13.86
C LYS A 188 4.65 -0.28 -13.42
N SER A 189 4.51 -0.46 -12.11
CA SER A 189 3.45 -1.30 -11.56
C SER A 189 2.08 -0.84 -11.97
N GLY A 190 1.88 0.48 -12.03
CA GLY A 190 0.56 1.08 -12.26
C GLY A 190 -0.37 0.92 -11.08
N GLU A 191 0.20 0.84 -9.88
CA GLU A 191 -0.52 0.48 -8.67
C GLU A 191 -0.70 1.73 -7.83
N SER A 192 -1.74 1.74 -6.99
CA SER A 192 -2.02 2.86 -6.06
C SER A 192 -1.74 2.44 -4.62
N PRO A 193 -1.64 3.43 -3.68
CA PRO A 193 -1.44 3.10 -2.25
C PRO A 193 -2.50 2.18 -1.64
N THR A 194 -3.68 2.16 -2.25
CA THR A 194 -4.77 1.27 -1.88
C THR A 194 -4.69 -0.16 -2.46
N HIS A 195 -3.64 -0.41 -3.25
CA HIS A 195 -3.36 -1.71 -3.88
C HIS A 195 -4.54 -2.23 -4.71
N PHE A 196 -5.20 -1.33 -5.41
CA PHE A 196 -6.45 -1.64 -6.10
C PHE A 196 -6.21 -2.52 -7.34
N LYS A 197 -5.23 -2.16 -8.16
CA LYS A 197 -4.84 -2.98 -9.30
C LYS A 197 -4.61 -4.46 -8.92
N ALA A 198 -3.85 -4.66 -7.84
CA ALA A 198 -3.59 -6.01 -7.32
C ALA A 198 -4.79 -6.66 -6.64
N ASN A 199 -5.60 -5.89 -5.92
CA ASN A 199 -6.82 -6.43 -5.29
C ASN A 199 -7.86 -6.84 -6.32
N LEU A 200 -8.01 -6.05 -7.39
CA LEU A 200 -8.94 -6.38 -8.49
C LEU A 200 -8.52 -7.59 -9.27
N ILE A 201 -7.22 -7.75 -9.51
CA ILE A 201 -6.73 -8.88 -10.30
C ILE A 201 -7.02 -10.19 -9.55
N SER A 202 -6.58 -10.27 -8.29
CA SER A 202 -6.95 -11.38 -7.38
C SER A 202 -8.44 -11.78 -7.46
N TYR A 203 -9.31 -10.78 -7.57
CA TYR A 203 -10.75 -11.01 -7.69
C TYR A 203 -11.10 -11.79 -8.96
N LEU A 204 -10.42 -11.51 -10.05
CA LEU A 204 -10.79 -12.08 -11.33
C LEU A 204 -10.17 -13.42 -11.56
N THR A 205 -8.96 -13.62 -11.03
CA THR A 205 -8.26 -14.89 -11.15
C THR A 205 -9.02 -15.95 -10.34
N ALA A 206 -9.67 -15.53 -9.26
CA ALA A 206 -10.50 -16.40 -8.41
C ALA A 206 -11.63 -17.13 -9.14
N TYR A 207 -12.09 -16.58 -10.26
CA TYR A 207 -13.06 -17.24 -11.14
C TYR A 207 -12.46 -18.50 -11.82
N ASN A 208 -11.31 -18.34 -12.49
CA ASN A 208 -10.69 -19.36 -13.36
C ASN A 208 -11.25 -19.46 -14.77
N ALA A 209 -12.10 -18.51 -15.15
CA ALA A 209 -12.68 -18.52 -16.49
C ALA A 209 -11.62 -18.00 -17.48
N PRO A 210 -11.37 -18.75 -18.58
CA PRO A 210 -10.39 -18.33 -19.60
C PRO A 210 -10.70 -16.99 -20.23
N SER A 211 -11.98 -16.73 -20.46
CA SER A 211 -12.46 -15.47 -21.02
C SER A 211 -12.03 -14.21 -20.26
N LEU A 212 -11.73 -14.35 -18.97
CA LEU A 212 -11.25 -13.23 -18.16
C LEU A 212 -9.73 -13.00 -18.14
N LYS A 213 -8.93 -14.00 -18.49
CA LYS A 213 -7.46 -13.83 -18.61
C LYS A 213 -7.09 -12.72 -19.59
N GLU A 214 -7.95 -12.51 -20.58
CA GLU A 214 -7.85 -11.38 -21.48
C GLU A 214 -8.01 -10.06 -20.72
N TRP A 215 -8.99 -10.01 -19.83
CA TRP A 215 -9.22 -8.83 -18.98
C TRP A 215 -8.22 -8.64 -17.83
N ILE A 216 -7.58 -9.70 -17.39
CA ILE A 216 -6.46 -9.54 -16.47
C ILE A 216 -5.29 -8.85 -17.17
N ASP A 217 -4.96 -9.32 -18.37
CA ASP A 217 -3.82 -8.77 -19.12
C ASP A 217 -4.10 -7.34 -19.56
N VAL A 218 -5.35 -7.04 -19.88
CA VAL A 218 -5.75 -5.68 -20.19
C VAL A 218 -5.43 -4.79 -18.99
N ILE A 219 -5.83 -5.20 -17.81
CA ILE A 219 -5.55 -4.43 -16.59
C ILE A 219 -4.04 -4.27 -16.33
N HIS A 220 -3.26 -5.33 -16.56
CA HIS A 220 -1.80 -5.30 -16.36
C HIS A 220 -1.07 -4.25 -17.19
N LYS A 221 -1.59 -3.96 -18.38
CA LYS A 221 -1.00 -2.93 -19.26
C LYS A 221 -1.47 -1.51 -18.95
N HIS A 222 -2.19 -1.31 -17.85
CA HIS A 222 -2.81 -0.03 -17.56
C HIS A 222 -2.42 0.53 -16.20
N ASP A 223 -2.34 1.85 -16.12
CA ASP A 223 -1.88 2.56 -14.94
C ASP A 223 -3.07 2.92 -14.09
N LEU A 224 -3.18 2.25 -12.95
CA LEU A 224 -4.27 2.44 -12.02
C LEU A 224 -3.87 3.23 -10.74
N SER A 225 -2.79 4.01 -10.82
CA SER A 225 -2.20 4.63 -9.63
C SER A 225 -3.05 5.73 -8.96
N GLU A 226 -3.95 6.37 -9.71
CA GLU A 226 -4.77 7.48 -9.19
C GLU A 226 -5.92 7.04 -8.27
N THR A 227 -6.02 5.75 -7.98
CA THR A 227 -7.18 5.19 -7.28
C THR A 227 -7.11 5.44 -5.77
N ASN A 228 -8.15 6.08 -5.25
CA ASN A 228 -8.25 6.53 -3.83
C ASN A 228 -9.29 5.75 -2.99
N VAL A 229 -9.73 4.62 -3.55
CA VAL A 229 -10.67 3.71 -2.90
C VAL A 229 -10.03 2.32 -2.76
N TYR A 230 -10.43 1.63 -1.68
CA TYR A 230 -10.07 0.22 -1.46
C TYR A 230 -11.17 -0.70 -2.01
N LEU A 231 -10.75 -1.83 -2.59
CA LEU A 231 -11.68 -2.82 -3.13
C LEU A 231 -12.11 -3.81 -2.07
N ILE A 232 -13.35 -4.26 -2.11
CA ILE A 232 -13.89 -5.24 -1.16
C ILE A 232 -14.70 -6.28 -1.91
N GLY A 233 -14.09 -7.44 -2.14
CA GLY A 233 -14.76 -8.57 -2.79
C GLY A 233 -15.26 -9.66 -1.84
N SER A 234 -16.33 -10.34 -2.26
CA SER A 234 -16.71 -11.66 -1.76
C SER A 234 -16.64 -12.59 -2.97
N THR A 235 -15.97 -13.73 -2.85
CA THR A 235 -15.98 -14.79 -3.88
C THR A 235 -16.35 -16.12 -3.18
N PRO A 236 -17.02 -17.05 -3.90
CA PRO A 236 -17.51 -18.26 -3.20
C PRO A 236 -16.41 -19.25 -2.75
N GLY A 237 -16.61 -19.94 -1.64
CA GLY A 237 -15.63 -20.91 -1.14
C GLY A 237 -15.58 -21.07 0.38
N ARG A 238 -14.52 -21.72 0.86
CA ARG A 238 -14.26 -21.91 2.30
C ARG A 238 -12.77 -21.67 2.52
N PHE A 239 -12.44 -20.68 3.33
CA PHE A 239 -11.07 -20.14 3.39
C PHE A 239 -10.48 -20.30 4.79
N GLN A 240 -9.20 -20.65 4.89
CA GLN A 240 -8.58 -21.01 6.17
C GLN A 240 -7.35 -20.19 6.48
N GLY A 241 -7.22 -19.80 7.76
CA GLY A 241 -6.04 -19.10 8.26
C GLY A 241 -5.89 -17.67 7.76
N SER A 242 -4.74 -17.38 7.14
CA SER A 242 -4.46 -16.06 6.53
C SER A 242 -5.37 -15.75 5.34
N GLN A 243 -5.91 -16.80 4.71
CA GLN A 243 -6.89 -16.67 3.62
C GLN A 243 -8.25 -16.07 4.01
N LYS A 244 -8.64 -16.15 5.28
CA LYS A 244 -9.93 -15.61 5.72
C LYS A 244 -10.02 -14.11 5.46
N ASP A 245 -8.90 -13.40 5.64
CA ASP A 245 -8.78 -11.96 5.36
C ASP A 245 -9.05 -11.53 3.92
N ASN A 246 -8.94 -12.45 2.96
CA ASN A 246 -9.02 -12.07 1.54
C ASN A 246 -10.40 -11.59 1.11
N TRP A 247 -11.45 -12.15 1.71
CA TRP A 247 -12.82 -11.91 1.26
C TRP A 247 -13.83 -11.60 2.38
N GLY A 248 -14.92 -10.96 2.01
CA GLY A 248 -16.06 -10.81 2.91
C GLY A 248 -15.87 -9.77 3.99
N HIS A 249 -16.37 -10.06 5.19
CA HIS A 249 -16.28 -9.10 6.30
C HIS A 249 -14.93 -9.14 7.02
N PHE A 250 -14.20 -10.23 6.88
CA PHE A 250 -12.82 -10.32 7.39
C PHE A 250 -11.90 -9.41 6.58
N ARG A 251 -12.22 -9.24 5.30
CA ARG A 251 -11.54 -8.29 4.42
C ARG A 251 -11.71 -6.85 4.89
N LEU A 252 -12.94 -6.46 5.20
CA LEU A 252 -13.25 -5.13 5.77
C LEU A 252 -12.56 -4.92 7.12
N LYS A 253 -12.72 -5.88 8.02
CA LYS A 253 -12.05 -5.92 9.32
C LYS A 253 -10.53 -5.64 9.22
N LYS A 254 -9.85 -6.37 8.32
CA LYS A 254 -8.39 -6.21 8.04
C LYS A 254 -8.03 -4.82 7.51
N LEU A 255 -8.78 -4.33 6.54
CA LEU A 255 -8.60 -3.00 6.01
C LEU A 255 -8.78 -1.92 7.08
N LEU A 256 -9.80 -2.09 7.92
CA LEU A 256 -10.08 -1.14 9.00
C LEU A 256 -8.99 -1.16 10.09
N LYS A 257 -8.48 -2.35 10.40
CA LYS A 257 -7.33 -2.50 11.29
C LYS A 257 -6.10 -1.75 10.73
N ASP A 258 -5.76 -2.05 9.48
CA ASP A 258 -4.51 -1.56 8.85
C ASP A 258 -4.53 -0.11 8.33
N HIS A 259 -5.72 0.47 8.11
CA HIS A 259 -5.83 1.80 7.45
C HIS A 259 -6.81 2.81 8.04
N ALA A 260 -7.55 2.40 9.08
CA ALA A 260 -8.33 3.35 9.88
C ALA A 260 -7.58 3.65 11.17
N SER A 261 -8.01 4.73 11.80
CA SER A 261 -7.44 5.23 13.02
C SER A 261 -8.51 5.13 14.09
N SER A 262 -8.14 4.70 15.29
CA SER A 262 -9.06 4.62 16.43
C SER A 262 -9.40 6.02 17.00
N MET A 263 -10.67 6.41 16.96
CA MET A 263 -11.07 7.74 17.43
C MET A 263 -11.17 7.74 18.98
N PRO A 264 -11.07 8.93 19.62
CA PRO A 264 -11.48 9.06 21.03
C PRO A 264 -12.99 8.91 21.17
N ASN A 265 -13.40 8.05 22.10
CA ASN A 265 -14.81 7.70 22.34
C ASN A 265 -15.44 6.92 21.16
N ALA A 266 -14.68 5.97 20.61
CA ALA A 266 -15.07 5.21 19.40
C ALA A 266 -16.32 4.36 19.61
N GLU A 267 -16.39 3.66 20.74
CA GLU A 267 -17.58 2.87 21.14
C GLU A 267 -18.95 3.57 21.02
N SER A 268 -18.96 4.90 21.09
CA SER A 268 -20.18 5.67 20.93
C SER A 268 -20.49 6.08 19.48
N TRP A 269 -19.51 5.91 18.58
CA TRP A 269 -19.75 6.05 17.13
C TRP A 269 -20.50 4.79 16.67
N PRO A 270 -21.72 4.93 16.10
CA PRO A 270 -22.48 3.74 15.71
C PRO A 270 -22.08 3.13 14.37
N VAL A 271 -22.75 2.03 14.03
CA VAL A 271 -22.67 1.41 12.71
C VAL A 271 -24.02 1.58 12.02
N VAL A 272 -24.00 1.74 10.69
CA VAL A 272 -25.20 1.87 9.85
C VAL A 272 -25.12 0.97 8.63
N GLY A 273 -26.08 0.05 8.52
CA GLY A 273 -26.17 -0.87 7.39
C GLY A 273 -27.44 -0.65 6.60
N GLN A 274 -27.29 -0.50 5.29
CA GLN A 274 -28.39 -0.13 4.38
C GLN A 274 -28.47 -1.19 3.25
N PHE A 275 -29.65 -1.76 3.03
CA PHE A 275 -29.79 -2.88 2.10
C PHE A 275 -31.24 -3.09 1.63
N SER A 276 -31.36 -3.91 0.57
CA SER A 276 -32.61 -4.27 -0.08
C SER A 276 -33.06 -5.73 0.12
N SER A 277 -32.15 -6.65 0.46
CA SER A 277 -32.54 -8.05 0.77
C SER A 277 -31.98 -8.50 2.12
N VAL A 278 -32.68 -9.44 2.75
CA VAL A 278 -32.31 -9.98 4.05
C VAL A 278 -32.24 -11.49 4.03
N GLY A 279 -31.06 -12.03 4.29
CA GLY A 279 -30.84 -13.47 4.37
C GLY A 279 -31.26 -14.02 5.72
N SER A 280 -31.00 -15.30 5.95
CA SER A 280 -31.32 -15.88 7.26
C SER A 280 -30.11 -15.74 8.15
N LEU A 281 -30.32 -15.03 9.25
CA LEU A 281 -29.26 -14.62 10.16
C LEU A 281 -29.24 -15.41 11.46
N GLY A 282 -30.20 -16.34 11.61
CA GLY A 282 -30.21 -17.29 12.72
C GLY A 282 -31.29 -17.00 13.74
N ALA A 283 -31.16 -17.68 14.89
CA ALA A 283 -32.14 -17.64 15.98
C ALA A 283 -32.15 -16.33 16.82
N ASP A 284 -31.01 -15.67 16.93
CA ASP A 284 -30.88 -14.39 17.65
C ASP A 284 -29.62 -13.63 17.18
N GLU A 285 -29.39 -12.46 17.74
CA GLU A 285 -28.28 -11.60 17.28
C GLU A 285 -26.88 -12.12 17.57
N SER A 286 -26.72 -12.85 18.67
CA SER A 286 -25.43 -13.46 19.01
C SER A 286 -24.88 -14.46 17.99
N LYS A 287 -25.78 -15.07 17.20
CA LYS A 287 -25.41 -16.12 16.25
C LYS A 287 -24.52 -15.64 15.10
N TRP A 288 -24.70 -14.39 14.70
CA TRP A 288 -23.92 -13.84 13.61
C TRP A 288 -23.86 -12.31 13.67
N LEU A 289 -25.02 -11.68 13.53
CA LEU A 289 -25.12 -10.22 13.33
C LEU A 289 -24.36 -9.37 14.35
N CYS A 290 -24.76 -9.45 15.62
CA CYS A 290 -24.15 -8.64 16.69
C CYS A 290 -22.87 -9.21 17.27
N SER A 291 -22.57 -10.48 16.96
CA SER A 291 -21.25 -11.04 17.25
C SER A 291 -20.34 -10.80 16.05
N GLU A 292 -20.44 -11.66 15.05
CA GLU A 292 -19.43 -11.83 14.01
C GLU A 292 -19.41 -10.70 12.95
N PHE A 293 -20.60 -10.31 12.47
CA PHE A 293 -20.74 -9.25 11.47
C PHE A 293 -20.40 -7.88 12.06
N LYS A 294 -20.95 -7.58 13.24
CA LYS A 294 -20.74 -6.28 13.88
C LYS A 294 -19.30 -6.03 14.36
N GLU A 295 -18.63 -7.06 14.85
CA GLU A 295 -17.22 -6.96 15.22
C GLU A 295 -16.37 -6.36 14.09
N SER A 296 -16.40 -7.05 12.95
CA SER A 296 -15.67 -6.63 11.77
C SER A 296 -15.94 -5.18 11.34
N MET A 297 -17.18 -4.71 11.51
CA MET A 297 -17.59 -3.34 11.10
C MET A 297 -17.10 -2.22 12.01
N LEU A 298 -17.07 -2.49 13.32
CA LEU A 298 -16.64 -1.52 14.32
C LEU A 298 -15.12 -1.44 14.55
N THR A 299 -14.36 -2.39 14.02
CA THR A 299 -12.91 -2.37 14.10
C THR A 299 -12.35 -1.02 13.58
N LEU A 300 -11.35 -0.47 14.29
CA LEU A 300 -10.66 0.81 13.95
C LEU A 300 -9.25 0.92 14.58
N GLY A 301 -8.21 0.90 13.74
CA GLY A 301 -6.84 1.00 14.25
C GLY A 301 -6.32 -0.33 14.76
N LYS A 302 -5.00 -0.40 14.91
CA LYS A 302 -4.27 -1.67 15.17
C LYS A 302 -4.63 -2.28 16.52
N GLU A 303 -4.53 -1.46 17.57
CA GLU A 303 -4.93 -1.82 18.93
C GLU A 303 -6.38 -2.33 18.97
N SER A 304 -6.59 -3.52 19.54
CA SER A 304 -7.91 -4.16 19.62
C SER A 304 -8.44 -4.17 21.06
N LYS A 305 -9.74 -3.96 21.20
CA LYS A 305 -10.44 -4.03 22.49
C LYS A 305 -11.37 -5.26 22.49
N THR A 306 -11.60 -5.83 23.68
CA THR A 306 -12.55 -6.93 23.84
C THR A 306 -13.00 -7.05 25.31
N SER A 310 -20.09 -5.05 23.18
CA SER A 310 -20.15 -3.60 23.38
C SER A 310 -21.43 -2.98 22.84
N SER A 311 -21.81 -1.86 23.45
CA SER A 311 -23.04 -1.13 23.10
C SER A 311 -22.71 -0.06 22.06
N VAL A 312 -22.32 -0.55 20.89
CA VAL A 312 -22.13 0.25 19.71
C VAL A 312 -23.48 0.14 19.02
N PRO A 313 -24.27 1.24 18.97
CA PRO A 313 -25.57 1.14 18.30
C PRO A 313 -25.47 0.78 16.81
N LEU A 314 -26.38 -0.08 16.37
CA LEU A 314 -26.43 -0.56 15.00
C LEU A 314 -27.80 -0.20 14.45
N TYR A 315 -27.82 0.65 13.43
CA TYR A 315 -29.06 1.11 12.84
C TYR A 315 -29.17 0.48 11.46
N LEU A 316 -30.15 -0.41 11.30
CA LEU A 316 -30.41 -1.07 10.01
C LEU A 316 -31.53 -0.37 9.28
N ILE A 317 -31.36 -0.18 7.98
CA ILE A 317 -32.30 0.57 7.16
C ILE A 317 -32.93 -0.40 6.19
N TYR A 318 -34.23 -0.55 6.29
CA TYR A 318 -34.99 -1.39 5.38
C TYR A 318 -36.43 -0.86 5.24
N PRO A 319 -36.89 -0.58 4.00
CA PRO A 319 -38.24 -0.03 3.76
C PRO A 319 -39.38 -0.70 4.50
N SER A 320 -40.28 0.12 5.04
CA SER A 320 -41.50 -0.38 5.64
C SER A 320 -42.49 -0.74 4.54
N VAL A 321 -43.55 -1.42 4.95
CA VAL A 321 -44.67 -1.68 4.08
C VAL A 321 -45.20 -0.36 3.54
N GLU A 322 -45.25 0.65 4.42
CA GLU A 322 -45.76 1.98 4.08
C GLU A 322 -44.83 2.79 3.15
N ASN A 323 -43.52 2.58 3.25
CA ASN A 323 -42.52 3.18 2.32
C ASN A 323 -42.65 2.69 0.88
N VAL A 324 -43.08 1.44 0.74
CA VAL A 324 -43.36 0.86 -0.55
C VAL A 324 -44.73 1.29 -1.04
N ARG A 325 -45.70 1.41 -0.13
CA ARG A 325 -47.06 1.84 -0.51
C ARG A 325 -47.08 3.21 -1.15
N THR A 326 -46.44 4.17 -0.49
CA THR A 326 -46.40 5.57 -0.93
C THR A 326 -45.31 5.86 -1.98
N SER A 327 -44.62 4.83 -2.46
CA SER A 327 -43.49 5.01 -3.37
C SER A 327 -43.95 5.50 -4.75
N LEU A 328 -42.97 5.83 -5.57
CA LEU A 328 -43.17 6.20 -6.97
C LEU A 328 -43.85 5.09 -7.80
N GLU A 329 -43.45 3.84 -7.56
CA GLU A 329 -44.06 2.68 -8.21
C GLU A 329 -45.27 2.15 -7.47
N GLY A 330 -45.23 2.26 -6.14
CA GLY A 330 -46.21 1.64 -5.27
C GLY A 330 -45.72 0.26 -4.89
N TYR A 331 -46.67 -0.65 -4.68
CA TYR A 331 -46.38 -2.03 -4.30
C TYR A 331 -45.44 -2.77 -5.27
N PRO A 332 -45.54 -2.50 -6.59
CA PRO A 332 -44.58 -3.06 -7.55
C PRO A 332 -43.09 -2.93 -7.21
N ALA A 333 -42.73 -1.89 -6.46
CA ALA A 333 -41.37 -1.76 -5.90
C ALA A 333 -40.96 -2.95 -5.03
N GLY A 334 -41.94 -3.56 -4.38
CA GLY A 334 -41.81 -4.87 -3.73
C GLY A 334 -41.19 -5.98 -4.55
N GLY A 335 -41.24 -5.88 -5.88
CA GLY A 335 -40.51 -6.77 -6.80
C GLY A 335 -39.01 -6.90 -6.53
N SER A 336 -38.39 -5.81 -6.08
CA SER A 336 -36.95 -5.76 -5.83
C SER A 336 -36.55 -5.80 -4.35
N LEU A 337 -37.52 -6.09 -3.48
CA LEU A 337 -37.31 -6.15 -2.04
C LEU A 337 -37.75 -7.53 -1.57
N PRO A 338 -36.91 -8.56 -1.82
CA PRO A 338 -37.39 -9.93 -1.67
C PRO A 338 -37.20 -10.55 -0.27
N TYR A 339 -37.79 -9.92 0.76
CA TYR A 339 -37.81 -10.50 2.11
C TYR A 339 -39.00 -11.46 2.21
N SER A 340 -38.66 -12.74 2.35
CA SER A 340 -39.63 -13.83 2.40
C SER A 340 -40.27 -13.89 3.78
N ILE A 341 -41.57 -14.19 3.83
CA ILE A 341 -42.27 -14.43 5.09
C ILE A 341 -41.67 -15.59 5.92
N GLN A 342 -41.13 -16.59 5.26
CA GLN A 342 -40.55 -17.76 5.94
C GLN A 342 -39.27 -17.37 6.67
N THR A 343 -38.45 -16.58 5.98
CA THR A 343 -37.22 -16.03 6.55
C THR A 343 -37.54 -15.04 7.67
N ALA A 344 -38.55 -14.20 7.48
CA ALA A 344 -38.85 -13.12 8.42
C ALA A 344 -39.36 -13.58 9.77
N GLU A 345 -40.33 -14.48 9.78
CA GLU A 345 -40.92 -14.95 11.04
C GLU A 345 -39.92 -15.68 11.93
N LYS A 346 -38.91 -16.32 11.33
CA LYS A 346 -37.78 -16.88 12.09
C LYS A 346 -36.98 -15.92 12.94
N GLN A 347 -37.10 -14.61 12.69
CA GLN A 347 -36.17 -13.64 13.28
C GLN A 347 -36.79 -12.28 13.58
N ASN A 348 -37.91 -12.27 14.31
CA ASN A 348 -38.53 -10.98 14.71
C ASN A 348 -37.63 -10.10 15.59
N TRP A 349 -36.66 -10.71 16.28
CA TRP A 349 -35.60 -10.00 17.02
C TRP A 349 -34.89 -8.93 16.20
N LEU A 350 -34.67 -9.23 14.92
CA LEU A 350 -34.00 -8.33 13.97
C LEU A 350 -34.74 -7.03 13.78
N HIS A 351 -36.07 -7.11 13.82
CA HIS A 351 -36.88 -6.01 13.39
C HIS A 351 -36.85 -4.80 14.31
N SER A 352 -36.44 -4.98 15.58
CA SER A 352 -36.28 -3.83 16.49
C SER A 352 -35.01 -3.01 16.20
N TYR A 353 -34.14 -3.51 15.32
CA TYR A 353 -33.04 -2.71 14.72
C TYR A 353 -33.39 -1.93 13.44
N PHE A 354 -34.64 -2.04 12.97
CA PHE A 354 -35.05 -1.55 11.65
C PHE A 354 -35.56 -0.11 11.69
N HIS A 355 -35.04 0.71 10.78
CA HIS A 355 -35.37 2.14 10.62
C HIS A 355 -35.89 2.41 9.18
N LYS A 356 -36.66 3.49 9.02
CA LYS A 356 -37.29 3.85 7.74
C LYS A 356 -36.33 4.35 6.65
N TRP A 357 -36.71 4.12 5.39
CA TRP A 357 -36.08 4.80 4.28
C TRP A 357 -36.56 6.21 4.29
N SER A 358 -35.62 7.14 4.23
CA SER A 358 -35.91 8.56 4.34
C SER A 358 -34.75 9.30 3.69
N ALA A 359 -35.00 10.02 2.60
CA ALA A 359 -33.92 10.59 1.79
C ALA A 359 -34.28 11.93 1.12
N GLU A 360 -34.74 12.87 1.92
CA GLU A 360 -35.03 14.23 1.46
C GLU A 360 -33.81 14.93 0.86
N THR A 361 -32.65 14.74 1.47
CA THR A 361 -31.38 15.26 0.90
C THR A 361 -31.19 14.97 -0.61
N SER A 362 -31.76 13.86 -1.10
CA SER A 362 -31.74 13.50 -2.52
C SER A 362 -33.09 13.58 -3.22
N GLY A 363 -34.17 13.81 -2.49
CA GLY A 363 -35.51 13.81 -3.07
C GLY A 363 -35.87 12.43 -3.57
N ARG A 364 -35.49 11.44 -2.77
CA ARG A 364 -35.59 10.04 -3.13
C ARG A 364 -36.41 9.23 -2.14
N SER A 365 -37.08 9.90 -1.19
CA SER A 365 -37.91 9.20 -0.18
C SER A 365 -38.92 8.22 -0.82
N ASN A 366 -39.37 8.54 -2.04
CA ASN A 366 -40.34 7.72 -2.75
C ASN A 366 -39.75 6.81 -3.83
N ALA A 367 -38.48 7.02 -4.17
CA ALA A 367 -37.72 6.08 -5.02
C ALA A 367 -37.03 5.08 -4.12
N MET A 368 -37.42 3.81 -4.24
CA MET A 368 -37.00 2.78 -3.28
C MET A 368 -35.54 2.35 -3.44
N PRO A 369 -34.91 1.92 -2.32
CA PRO A 369 -33.50 1.49 -2.35
C PRO A 369 -33.24 0.09 -2.90
N HIS A 370 -32.45 0.03 -3.97
CA HIS A 370 -31.76 -1.18 -4.39
C HIS A 370 -30.24 -1.03 -4.25
N ILE A 371 -29.79 0.14 -3.83
CA ILE A 371 -28.40 0.35 -3.41
C ILE A 371 -28.15 -0.36 -2.04
N LYS A 372 -26.90 -0.72 -1.79
CA LYS A 372 -26.48 -1.23 -0.49
C LYS A 372 -25.34 -0.33 -0.03
N THR A 373 -25.36 0.08 1.23
CA THR A 373 -24.32 0.94 1.79
C THR A 373 -24.10 0.64 3.26
N TYR A 374 -22.86 0.82 3.69
CA TYR A 374 -22.51 0.70 5.09
C TYR A 374 -21.53 1.82 5.43
N MET A 375 -21.67 2.39 6.63
CA MET A 375 -20.84 3.53 7.04
C MET A 375 -20.81 3.68 8.54
N ARG A 376 -19.81 4.39 9.03
CA ARG A 376 -19.60 4.58 10.45
C ARG A 376 -19.62 6.06 10.81
N PRO A 377 -20.78 6.58 11.26
CA PRO A 377 -20.88 8.00 11.64
C PRO A 377 -20.52 8.29 13.09
N SER A 378 -20.36 9.59 13.38
CA SER A 378 -20.17 10.11 14.74
C SER A 378 -21.53 10.15 15.47
N PRO A 379 -21.53 10.23 16.81
CA PRO A 379 -22.81 10.22 17.54
C PRO A 379 -23.76 11.38 17.19
N ASP A 380 -23.19 12.55 16.90
CA ASP A 380 -23.98 13.67 16.37
C ASP A 380 -24.24 13.59 14.85
N PHE A 381 -23.64 12.61 14.16
CA PHE A 381 -23.85 12.33 12.72
C PHE A 381 -23.33 13.42 11.77
N SER A 382 -22.43 14.28 12.26
CA SER A 382 -21.87 15.37 11.47
C SER A 382 -20.73 14.89 10.57
N LYS A 383 -20.07 13.80 10.97
CA LYS A 383 -18.91 13.26 10.27
C LYS A 383 -18.93 11.73 10.29
N ILE A 384 -18.25 11.12 9.30
CA ILE A 384 -18.11 9.65 9.20
C ILE A 384 -16.64 9.24 9.05
N ALA A 385 -16.28 8.15 9.71
CA ALA A 385 -14.95 7.58 9.63
C ALA A 385 -14.68 6.93 8.29
N TRP A 386 -15.72 6.32 7.70
CA TRP A 386 -15.61 5.65 6.40
C TRP A 386 -16.98 5.40 5.79
N PHE A 387 -16.98 5.25 4.47
CA PHE A 387 -18.18 4.92 3.72
C PHE A 387 -17.86 3.77 2.81
N LEU A 388 -18.85 2.89 2.65
CA LEU A 388 -18.81 1.80 1.70
C LEU A 388 -20.12 1.75 0.92
N VAL A 389 -20.00 1.63 -0.39
CA VAL A 389 -21.10 1.19 -1.25
C VAL A 389 -20.68 -0.17 -1.80
N THR A 390 -21.64 -1.07 -1.95
CA THR A 390 -21.32 -2.42 -2.37
C THR A 390 -22.55 -3.08 -2.99
N SER A 391 -22.33 -4.23 -3.63
CA SER A 391 -23.38 -5.12 -4.13
C SER A 391 -24.02 -5.94 -3.02
N ALA A 392 -23.34 -6.06 -1.88
CA ALA A 392 -23.69 -7.02 -0.84
C ALA A 392 -24.84 -6.62 0.10
N ASN A 393 -25.78 -7.54 0.27
CA ASN A 393 -26.92 -7.39 1.17
C ASN A 393 -26.61 -7.87 2.59
N LEU A 394 -27.60 -7.76 3.50
CA LEU A 394 -27.45 -8.27 4.85
C LEU A 394 -27.67 -9.79 4.91
N SER A 395 -26.70 -10.52 4.37
CA SER A 395 -26.78 -11.98 4.30
C SER A 395 -25.42 -12.59 4.49
N LYS A 396 -25.46 -13.82 4.98
CA LYS A 396 -24.26 -14.58 5.28
C LYS A 396 -23.68 -15.08 3.97
N ALA A 397 -24.55 -15.36 3.01
CA ALA A 397 -24.17 -15.70 1.65
C ALA A 397 -23.22 -14.67 1.11
N ALA A 398 -23.58 -13.41 1.28
CA ALA A 398 -22.87 -12.27 0.70
C ALA A 398 -21.61 -11.88 1.48
N TRP A 399 -21.77 -11.75 2.79
CA TRP A 399 -20.69 -11.33 3.70
C TRP A 399 -19.80 -12.46 4.22
N GLY A 400 -20.35 -13.67 4.24
CA GLY A 400 -19.63 -14.82 4.71
C GLY A 400 -19.92 -15.03 6.17
N ALA A 401 -19.88 -16.30 6.58
CA ALA A 401 -20.02 -16.70 7.99
C ALA A 401 -19.09 -17.88 8.30
N LEU A 402 -18.70 -17.97 9.58
CA LEU A 402 -17.72 -18.93 10.07
C LEU A 402 -18.29 -20.34 10.19
N GLU A 403 -17.47 -21.33 9.87
CA GLU A 403 -17.78 -22.74 10.06
C GLU A 403 -16.67 -23.41 10.88
N LYS A 404 -16.91 -24.68 11.26
CA LYS A 404 -15.96 -25.58 11.97
C LYS A 404 -15.18 -24.91 13.10
N ASN A 405 -15.94 -24.25 13.97
CA ASN A 405 -15.37 -23.62 15.14
C ASN A 405 -14.26 -22.60 14.78
N GLY A 406 -14.66 -21.47 14.18
CA GLY A 406 -13.76 -20.33 13.95
C GLY A 406 -12.57 -20.49 13.02
N THR A 407 -12.43 -21.67 12.39
CA THR A 407 -11.24 -22.00 11.59
C THR A 407 -11.36 -21.64 10.11
N GLN A 408 -12.58 -21.80 9.57
CA GLN A 408 -12.90 -21.41 8.17
C GLN A 408 -14.13 -20.48 8.03
N LEU A 409 -14.05 -19.62 7.00
CA LEU A 409 -15.11 -18.68 6.63
C LEU A 409 -15.70 -19.11 5.29
N MET A 410 -16.99 -19.40 5.28
CA MET A 410 -17.71 -19.76 4.06
C MET A 410 -18.49 -18.58 3.48
N ILE A 411 -18.34 -18.41 2.18
CA ILE A 411 -19.08 -17.44 1.39
C ILE A 411 -19.76 -18.22 0.25
N ARG A 412 -21.02 -17.90 -0.01
CA ARG A 412 -21.79 -18.50 -1.11
C ARG A 412 -21.66 -17.72 -2.41
N SER A 413 -21.75 -16.39 -2.32
CA SER A 413 -22.01 -15.52 -3.47
C SER A 413 -20.76 -14.74 -3.92
N TYR A 414 -20.80 -14.29 -5.17
CA TYR A 414 -19.90 -13.25 -5.65
C TYR A 414 -20.52 -11.86 -5.33
N GLU A 415 -19.76 -10.99 -4.66
CA GLU A 415 -20.12 -9.58 -4.39
C GLU A 415 -18.91 -8.67 -4.67
N LEU A 416 -19.13 -7.36 -4.60
CA LEU A 416 -18.06 -6.37 -4.84
C LEU A 416 -18.47 -4.93 -4.54
N GLY A 417 -17.61 -4.23 -3.81
CA GLY A 417 -17.78 -2.80 -3.53
C GLY A 417 -16.47 -2.04 -3.39
N VAL A 418 -16.59 -0.72 -3.24
CA VAL A 418 -15.46 0.16 -2.95
C VAL A 418 -15.64 0.81 -1.59
N LEU A 419 -14.53 0.95 -0.88
CA LEU A 419 -14.51 1.53 0.42
C LEU A 419 -13.84 2.87 0.28
N PHE A 420 -14.46 3.87 0.89
CA PHE A 420 -13.90 5.21 0.97
C PHE A 420 -13.32 5.43 2.35
N LEU A 421 -12.04 5.77 2.39
CA LEU A 421 -11.35 6.01 3.63
C LEU A 421 -10.66 7.38 3.61
N PRO A 422 -10.77 8.13 4.71
CA PRO A 422 -10.07 9.41 4.82
C PRO A 422 -8.54 9.25 4.80
N SER A 423 -8.01 8.20 5.41
CA SER A 423 -6.55 7.93 5.44
C SER A 423 -5.91 7.98 4.04
N ALA A 424 -6.63 7.49 3.03
CA ALA A 424 -6.19 7.62 1.62
C ALA A 424 -6.46 9.00 0.98
N LEU A 425 -6.98 9.96 1.76
CA LEU A 425 -7.04 11.36 1.36
C LEU A 425 -6.36 12.32 2.37
N GLY A 426 -5.53 11.76 3.24
CA GLY A 426 -4.82 12.53 4.26
C GLY A 426 -5.76 13.24 5.21
N LEU A 427 -6.80 12.54 5.65
CA LEU A 427 -7.78 13.08 6.58
C LEU A 427 -8.02 12.06 7.69
N ASP A 428 -8.72 12.50 8.73
CA ASP A 428 -9.07 11.67 9.89
C ASP A 428 -10.51 11.22 9.77
N SER A 429 -11.36 12.12 9.30
CA SER A 429 -12.75 11.81 9.01
C SER A 429 -13.22 12.56 7.76
N PHE A 430 -14.37 12.15 7.23
CA PHE A 430 -15.11 12.94 6.23
C PHE A 430 -16.09 13.81 6.97
N LYS A 431 -16.73 14.71 6.25
CA LYS A 431 -17.80 15.53 6.83
C LYS A 431 -19.05 15.28 5.99
N VAL A 432 -20.18 15.06 6.63
CA VAL A 432 -21.40 14.68 5.92
C VAL A 432 -21.96 15.90 5.20
N LYS A 433 -22.20 15.77 3.89
CA LYS A 433 -22.85 16.84 3.14
C LYS A 433 -24.28 17.00 3.62
N GLN A 434 -24.47 17.86 4.61
CA GLN A 434 -25.79 18.20 5.16
C GLN A 434 -26.94 18.17 4.12
N LYS A 435 -26.68 18.67 2.91
CA LYS A 435 -27.57 18.47 1.73
C LYS A 435 -26.73 17.96 0.54
N PHE A 436 -27.29 17.01 -0.23
CA PHE A 436 -26.53 16.25 -1.24
C PHE A 436 -25.88 17.16 -2.30
N PHE A 437 -26.66 18.04 -2.91
CA PHE A 437 -26.19 18.89 -4.03
C PHE A 437 -25.96 20.32 -3.55
N PRO A 443 -17.37 22.18 1.57
CA PRO A 443 -17.93 21.87 0.25
C PRO A 443 -16.88 21.31 -0.74
N MET A 444 -15.85 20.64 -0.21
CA MET A 444 -14.62 20.31 -0.95
C MET A 444 -14.39 18.79 -0.92
N ALA A 445 -14.11 18.27 0.29
CA ALA A 445 -14.02 16.85 0.58
C ALA A 445 -14.95 16.55 1.78
N THR A 446 -16.22 16.84 1.56
CA THR A 446 -17.30 16.43 2.47
C THR A 446 -18.08 15.35 1.72
N PHE A 447 -18.33 14.22 2.39
CA PHE A 447 -18.83 13.04 1.70
C PHE A 447 -20.35 13.09 1.48
N PRO A 448 -20.81 12.71 0.26
CA PRO A 448 -22.25 12.80 -0.09
C PRO A 448 -23.08 11.56 0.26
N VAL A 449 -23.66 11.53 1.45
CA VAL A 449 -24.56 10.47 1.88
C VAL A 449 -25.92 10.67 1.19
N PRO A 450 -26.45 9.63 0.51
CA PRO A 450 -27.73 9.71 -0.18
C PRO A 450 -29.02 9.71 0.68
N TYR A 451 -28.97 9.16 1.88
CA TYR A 451 -30.14 9.13 2.75
C TYR A 451 -30.00 10.14 3.87
N ASP A 452 -31.11 10.42 4.54
CA ASP A 452 -31.14 11.33 5.67
C ASP A 452 -30.57 10.65 6.93
N LEU A 453 -29.80 11.46 7.66
CA LEU A 453 -29.27 11.11 8.96
C LEU A 453 -29.81 12.13 9.98
N PRO A 454 -30.23 11.67 11.17
CA PRO A 454 -30.16 10.29 11.68
C PRO A 454 -31.31 9.44 11.15
N PRO A 455 -31.14 8.10 11.14
CA PRO A 455 -32.24 7.24 10.72
C PRO A 455 -33.41 7.28 11.71
N GLU A 456 -34.64 7.11 11.22
CA GLU A 456 -35.82 7.18 12.06
C GLU A 456 -36.32 5.78 12.31
N LEU A 457 -36.54 5.43 13.57
CA LEU A 457 -37.00 4.07 13.89
C LEU A 457 -38.46 3.83 13.49
N TYR A 458 -38.76 2.58 13.17
CA TYR A 458 -40.12 2.13 12.86
C TYR A 458 -41.10 2.51 13.95
N GLY A 459 -42.27 2.99 13.55
CA GLY A 459 -43.37 3.18 14.49
C GLY A 459 -43.99 1.87 14.91
N SER A 460 -44.95 1.93 15.82
CA SER A 460 -45.70 0.75 16.26
C SER A 460 -46.56 0.18 15.14
N LYS A 461 -47.15 1.09 14.35
CA LYS A 461 -47.86 0.74 13.11
C LYS A 461 -47.00 0.01 12.09
N ASP A 462 -45.73 0.43 11.95
CA ASP A 462 -44.84 -0.10 10.91
C ASP A 462 -44.48 -1.55 11.08
N ARG A 463 -44.44 -2.25 9.95
CA ARG A 463 -43.79 -3.55 9.84
C ARG A 463 -42.94 -3.52 8.57
N PRO A 464 -41.96 -4.43 8.46
CA PRO A 464 -41.09 -4.43 7.28
C PRO A 464 -41.79 -4.90 6.02
N TRP A 465 -41.26 -4.50 4.86
CA TRP A 465 -41.79 -5.00 3.60
C TRP A 465 -41.46 -6.47 3.41
N ILE A 466 -42.47 -7.24 3.03
CA ILE A 466 -42.33 -8.66 2.75
C ILE A 466 -43.17 -8.94 1.50
N TRP A 467 -42.53 -9.47 0.47
CA TRP A 467 -43.19 -9.70 -0.84
C TRP A 467 -44.10 -10.93 -0.97
N ASN A 468 -44.03 -11.87 -0.01
CA ASN A 468 -44.85 -13.10 0.04
C ASN A 468 -46.32 -12.93 0.42
N ILE A 469 -46.61 -11.91 1.23
CA ILE A 469 -47.94 -11.75 1.81
C ILE A 469 -48.70 -10.66 1.09
N PRO A 470 -50.05 -10.79 1.04
CA PRO A 470 -50.85 -9.85 0.28
C PRO A 470 -51.21 -8.60 1.05
N TYR A 471 -50.99 -7.45 0.43
CA TYR A 471 -51.35 -6.15 0.99
C TYR A 471 -52.61 -5.68 0.27
N VAL A 472 -53.71 -5.91 0.96
CA VAL A 472 -55.06 -5.78 0.41
C VAL A 472 -55.86 -4.67 1.08
N LYS A 473 -55.27 -4.00 2.06
CA LYS A 473 -56.02 -3.14 2.98
C LYS A 473 -56.14 -1.69 2.50
N ALA A 474 -55.02 -1.03 2.21
CA ALA A 474 -55.03 0.31 1.64
C ALA A 474 -54.33 0.30 0.28
N PRO A 475 -54.85 1.08 -0.69
CA PRO A 475 -54.29 1.04 -2.06
C PRO A 475 -52.95 1.77 -2.16
N ASP A 476 -52.15 1.49 -3.20
CA ASP A 476 -50.84 2.15 -3.36
C ASP A 476 -50.98 3.52 -4.03
N THR A 477 -49.86 4.14 -4.39
CA THR A 477 -49.82 5.41 -5.12
C THR A 477 -50.72 5.46 -6.36
N HIS A 478 -50.81 4.35 -7.09
CA HIS A 478 -51.57 4.25 -8.35
C HIS A 478 -52.90 3.50 -8.19
N GLY A 479 -53.40 3.38 -6.96
CA GLY A 479 -54.69 2.78 -6.68
C GLY A 479 -54.74 1.28 -6.90
N ASN A 480 -53.68 0.58 -6.59
CA ASN A 480 -53.65 -0.89 -6.74
C ASN A 480 -53.46 -1.57 -5.38
N MET A 481 -53.87 -2.84 -5.33
CA MET A 481 -53.54 -3.75 -4.24
C MET A 481 -52.47 -4.75 -4.68
N TRP A 482 -51.93 -5.49 -3.70
CA TRP A 482 -50.82 -6.44 -3.89
C TRP A 482 -51.21 -7.86 -3.48
N VAL A 483 -51.22 -8.77 -4.47
CA VAL A 483 -51.52 -10.20 -4.28
C VAL A 483 -50.45 -11.01 -4.99
N PRO A 484 -49.44 -11.50 -4.25
CA PRO A 484 -48.34 -12.18 -4.94
C PRO A 484 -48.77 -13.53 -5.53
N SER A 485 -49.11 -13.48 -6.82
CA SER A 485 -49.52 -14.65 -7.57
C SER A 485 -48.26 -15.39 -8.04
N LYS C 37 19.26 11.33 -15.03
CA LYS C 37 19.03 10.97 -16.48
C LYS C 37 17.59 10.48 -16.86
N GLY C 38 16.61 10.60 -15.95
CA GLY C 38 15.25 10.07 -16.17
C GLY C 38 15.05 8.57 -15.94
N ASN C 39 16.10 7.85 -15.52
CA ASN C 39 16.11 6.36 -15.42
C ASN C 39 15.40 5.83 -14.15
N PRO C 40 15.14 4.52 -14.05
CA PRO C 40 14.24 4.04 -13.00
C PRO C 40 14.82 3.98 -11.58
N PHE C 41 16.11 3.68 -11.46
CA PHE C 41 16.69 3.33 -10.18
C PHE C 41 17.17 4.50 -9.34
N GLN C 42 17.88 5.42 -9.97
CA GLN C 42 18.56 6.54 -9.30
C GLN C 42 19.57 6.08 -8.26
N PHE C 43 20.33 5.03 -8.60
CA PHE C 43 21.39 4.49 -7.73
C PHE C 43 22.72 4.94 -8.28
N TYR C 44 23.45 5.74 -7.51
CA TYR C 44 24.72 6.31 -7.95
C TYR C 44 25.84 5.93 -7.00
N LEU C 45 27.06 6.16 -7.47
CA LEU C 45 28.24 5.99 -6.64
C LEU C 45 28.99 7.31 -6.50
N THR C 46 29.79 7.44 -5.44
CA THR C 46 30.59 8.62 -5.20
C THR C 46 31.77 8.67 -6.13
N ARG C 47 32.19 9.89 -6.46
CA ARG C 47 33.36 10.12 -7.31
C ARG C 47 34.64 9.67 -6.59
N VAL C 48 35.53 9.05 -7.35
CA VAL C 48 36.81 8.58 -6.84
C VAL C 48 37.87 9.38 -7.57
N SER C 49 38.67 10.13 -6.82
CA SER C 49 39.82 10.84 -7.37
C SER C 49 40.86 9.84 -7.78
N GLY C 50 41.49 10.06 -8.93
CA GLY C 50 42.60 9.22 -9.38
C GLY C 50 42.25 7.97 -10.16
N VAL C 51 41.05 7.90 -10.72
CA VAL C 51 40.70 6.89 -11.73
C VAL C 51 40.28 7.59 -13.02
N LYS C 52 40.25 6.85 -14.13
CA LYS C 52 39.94 7.41 -15.44
C LYS C 52 38.52 7.98 -15.47
N PRO C 53 38.34 9.21 -16.04
CA PRO C 53 37.03 9.88 -15.96
C PRO C 53 35.87 9.09 -16.57
N LYS C 54 36.17 8.04 -17.34
CA LYS C 54 35.15 7.08 -17.75
C LYS C 54 34.38 6.48 -16.55
N TYR C 55 35.07 6.24 -15.44
CA TYR C 55 34.41 5.69 -14.23
C TYR C 55 33.79 6.77 -13.35
N ASN C 56 33.79 8.04 -13.79
CA ASN C 56 33.19 9.13 -13.01
C ASN C 56 32.10 9.97 -13.69
N SER C 57 31.85 9.77 -14.99
CA SER C 57 30.62 10.26 -15.58
C SER C 57 29.59 9.20 -15.24
N GLY C 58 28.67 9.54 -14.34
CA GLY C 58 27.72 8.57 -13.79
C GLY C 58 27.87 8.49 -12.29
N ALA C 59 29.05 8.81 -11.80
CA ALA C 59 29.28 9.10 -10.39
C ALA C 59 28.68 10.46 -10.04
N LEU C 60 28.43 10.67 -8.75
CA LEU C 60 28.02 11.96 -8.21
C LEU C 60 28.99 12.42 -7.13
N HIS C 61 29.22 13.72 -7.04
CA HIS C 61 29.89 14.32 -5.89
C HIS C 61 28.85 15.12 -5.11
N ILE C 62 29.09 15.32 -3.82
CA ILE C 62 28.26 16.19 -2.97
C ILE C 62 27.99 17.57 -3.60
N LYS C 63 28.95 18.13 -4.32
CA LYS C 63 28.76 19.41 -5.02
C LYS C 63 27.83 19.30 -6.24
N ASP C 64 27.89 18.19 -6.99
CA ASP C 64 26.91 17.92 -8.05
C ASP C 64 25.48 17.86 -7.48
N ILE C 65 25.33 17.26 -6.29
CA ILE C 65 24.04 17.05 -5.63
C ILE C 65 23.39 18.36 -5.20
N LEU C 66 24.16 19.24 -4.58
CA LEU C 66 23.61 20.48 -3.99
C LEU C 66 23.62 21.67 -4.99
N SER C 67 23.95 21.41 -6.26
CA SER C 67 24.08 22.45 -7.27
C SER C 67 22.74 23.11 -7.55
N PRO C 68 22.76 24.36 -8.09
CA PRO C 68 21.50 25.02 -8.48
C PRO C 68 20.80 24.41 -9.70
N LEU C 69 21.43 23.45 -10.39
CA LEU C 69 20.75 22.67 -11.45
C LEU C 69 19.53 21.86 -10.93
N PHE C 70 19.52 21.51 -9.65
CA PHE C 70 18.41 20.77 -9.04
C PHE C 70 17.28 21.65 -8.46
N GLY C 71 17.50 22.97 -8.34
CA GLY C 71 16.47 23.87 -7.82
C GLY C 71 16.99 24.93 -6.88
N THR C 72 16.08 25.73 -6.33
CA THR C 72 16.42 26.87 -5.48
C THR C 72 16.20 26.56 -3.99
N LEU C 73 17.31 26.26 -3.32
CA LEU C 73 17.33 25.85 -1.92
C LEU C 73 16.63 26.90 -1.04
N VAL C 74 15.80 26.45 -0.10
CA VAL C 74 15.21 27.30 0.95
C VAL C 74 15.77 26.90 2.30
N SER C 75 15.73 25.60 2.59
CA SER C 75 16.28 25.01 3.81
C SER C 75 16.85 23.62 3.51
N SER C 76 17.62 23.07 4.46
CA SER C 76 18.06 21.67 4.38
C SER C 76 18.26 21.05 5.75
N ALA C 77 18.38 19.73 5.75
CA ALA C 77 18.63 18.93 6.95
C ALA C 77 19.60 17.80 6.63
N GLN C 78 20.49 17.51 7.58
CA GLN C 78 21.64 16.63 7.38
C GLN C 78 21.80 15.60 8.50
N PHE C 79 21.35 14.39 8.21
CA PHE C 79 21.38 13.27 9.14
C PHE C 79 22.69 12.56 8.89
N ASN C 80 23.47 12.36 9.95
CA ASN C 80 24.76 11.71 9.82
C ASN C 80 25.43 11.37 11.15
N TYR C 81 26.50 10.58 11.06
CA TYR C 81 27.32 10.21 12.21
C TYR C 81 28.44 11.24 12.46
N CYS C 82 29.34 11.42 11.50
CA CYS C 82 30.52 12.30 11.62
C CYS C 82 30.47 13.50 10.68
N PHE C 83 30.94 14.67 11.18
CA PHE C 83 30.90 15.96 10.45
C PHE C 83 32.22 16.75 10.50
N ASP C 84 32.55 17.41 9.41
CA ASP C 84 33.47 18.53 9.39
C ASP C 84 32.61 19.65 8.86
N VAL C 85 32.31 20.62 9.72
CA VAL C 85 31.31 21.65 9.40
C VAL C 85 31.91 22.72 8.48
N ASP C 86 33.17 23.09 8.71
CA ASP C 86 33.88 24.09 7.90
C ASP C 86 34.05 23.60 6.45
N TRP C 87 34.26 22.29 6.31
CA TRP C 87 34.21 21.60 5.02
C TRP C 87 32.77 21.61 4.46
N LEU C 88 31.84 21.06 5.23
CA LEU C 88 30.41 20.90 4.82
C LEU C 88 29.82 22.13 4.15
N VAL C 89 30.07 23.29 4.75
CA VAL C 89 29.53 24.55 4.25
C VAL C 89 30.06 24.83 2.84
N LYS C 90 31.35 24.56 2.62
CA LYS C 90 31.97 24.77 1.29
C LYS C 90 31.35 23.94 0.14
N GLN C 91 30.64 22.87 0.48
CA GLN C 91 30.05 22.00 -0.53
C GLN C 91 28.74 22.56 -1.11
N TYR C 92 28.02 23.36 -0.32
CA TYR C 92 26.82 24.05 -0.78
C TYR C 92 27.32 25.20 -1.64
N PRO C 93 26.62 25.52 -2.76
CA PRO C 93 27.01 26.71 -3.54
C PRO C 93 26.82 28.04 -2.77
N PRO C 94 27.49 29.13 -3.21
CA PRO C 94 27.49 30.42 -2.47
C PRO C 94 26.12 30.93 -2.02
N GLU C 95 25.18 30.97 -2.97
CA GLU C 95 23.79 31.42 -2.76
C GLU C 95 23.02 30.58 -1.75
N PHE C 96 23.31 29.29 -1.68
CA PHE C 96 22.67 28.37 -0.71
C PHE C 96 23.49 28.19 0.58
N ARG C 97 24.75 28.63 0.58
CA ARG C 97 25.57 28.69 1.81
C ARG C 97 24.87 29.48 2.90
N LYS C 98 24.14 30.52 2.48
CA LYS C 98 23.44 31.45 3.38
C LYS C 98 22.30 30.82 4.20
N LYS C 99 21.68 29.77 3.65
CA LYS C 99 20.37 29.27 4.11
C LYS C 99 20.43 28.14 5.16
N PRO C 100 19.36 27.99 5.99
CA PRO C 100 19.43 27.15 7.22
C PRO C 100 19.60 25.62 7.05
N ILE C 101 20.74 25.11 7.52
CA ILE C 101 21.01 23.68 7.63
C ILE C 101 20.57 23.25 9.02
N LEU C 102 20.19 21.98 9.15
CA LEU C 102 19.98 21.34 10.44
C LEU C 102 20.80 20.06 10.47
N LEU C 103 21.57 19.86 11.53
CA LEU C 103 22.44 18.68 11.65
C LEU C 103 21.86 17.71 12.67
N VAL C 104 21.83 16.42 12.34
CA VAL C 104 21.27 15.42 13.24
C VAL C 104 22.31 14.35 13.56
N HIS C 105 22.48 14.07 14.85
CA HIS C 105 23.64 13.34 15.39
C HIS C 105 23.32 12.72 16.73
N GLY C 106 24.15 11.82 17.23
CA GLY C 106 23.89 11.12 18.52
C GLY C 106 25.00 11.27 19.54
N ASP C 107 25.55 12.48 19.62
CA ASP C 107 26.89 12.72 20.17
C ASP C 107 26.93 13.18 21.64
N LYS C 108 28.03 12.80 22.30
CA LYS C 108 28.20 12.92 23.75
C LYS C 108 28.67 14.32 24.16
N ARG C 109 28.31 14.72 25.38
CA ARG C 109 28.54 16.10 25.92
C ARG C 109 29.85 16.81 25.52
N GLU C 110 30.96 16.07 25.38
CA GLU C 110 32.30 16.62 25.03
C GLU C 110 32.62 16.58 23.52
N ALA C 111 32.19 15.51 22.84
CA ALA C 111 32.12 15.50 21.37
C ALA C 111 31.00 16.44 20.86
N LYS C 112 29.99 16.67 21.71
CA LYS C 112 28.89 17.61 21.45
C LYS C 112 29.39 19.06 21.48
N ALA C 113 30.06 19.41 22.58
CA ALA C 113 30.72 20.73 22.71
C ALA C 113 31.57 21.09 21.47
N HIS C 114 32.26 20.10 20.90
CA HIS C 114 33.04 20.28 19.67
C HIS C 114 32.18 20.84 18.54
N LEU C 115 31.04 20.19 18.28
CA LEU C 115 30.22 20.55 17.12
C LEU C 115 29.57 21.92 17.28
N HIS C 116 29.11 22.26 18.48
CA HIS C 116 28.57 23.59 18.77
C HIS C 116 29.61 24.65 18.39
N ALA C 117 30.83 24.46 18.87
CA ALA C 117 31.96 25.32 18.51
C ALA C 117 32.17 25.36 16.99
N GLN C 118 32.12 24.21 16.33
CA GLN C 118 32.16 24.16 14.85
C GLN C 118 31.02 24.93 14.18
N ALA C 119 29.86 24.95 14.85
CA ALA C 119 28.67 25.69 14.39
C ALA C 119 28.58 27.15 14.84
N LYS C 120 29.49 27.60 15.70
CA LYS C 120 29.43 28.95 16.27
C LYS C 120 29.56 30.05 15.20
N PRO C 121 30.57 29.95 14.30
CA PRO C 121 30.75 31.00 13.27
C PRO C 121 29.57 31.21 12.32
N TYR C 122 28.71 30.19 12.21
CA TYR C 122 27.58 30.18 11.29
C TYR C 122 26.25 30.32 12.05
N GLU C 123 25.53 31.42 11.80
CA GLU C 123 24.24 31.71 12.48
C GLU C 123 23.10 30.80 11.97
N ASN C 124 23.03 30.65 10.65
CA ASN C 124 22.01 29.81 9.97
C ASN C 124 21.98 28.32 10.37
N ILE C 125 23.10 27.81 10.85
CA ILE C 125 23.22 26.37 11.15
C ILE C 125 22.72 26.06 12.56
N SER C 126 21.59 25.36 12.61
CA SER C 126 21.03 24.78 13.83
C SER C 126 21.41 23.31 13.93
N LEU C 127 21.13 22.71 15.09
CA LEU C 127 21.58 21.36 15.42
C LEU C 127 20.53 20.57 16.18
N CYS C 128 20.08 19.45 15.62
CA CYS C 128 19.21 18.55 16.35
C CYS C 128 20.00 17.38 16.92
N GLN C 129 19.94 17.20 18.23
CA GLN C 129 20.57 16.06 18.87
C GLN C 129 19.56 14.93 18.83
N ALA C 130 19.99 13.76 18.38
CA ALA C 130 19.15 12.56 18.39
C ALA C 130 19.32 11.85 19.72
N LYS C 131 18.22 11.48 20.34
CA LYS C 131 18.27 10.81 21.63
C LYS C 131 18.54 9.32 21.41
N LEU C 132 19.51 8.77 22.14
CA LEU C 132 19.69 7.32 22.25
C LEU C 132 19.69 7.02 23.75
N ASP C 133 18.61 6.42 24.23
CA ASP C 133 18.44 6.06 25.64
C ASP C 133 18.74 4.56 25.84
N ILE C 134 19.69 4.04 25.05
CA ILE C 134 20.14 2.65 25.16
C ILE C 134 21.63 2.55 24.86
N ALA C 135 22.31 1.65 25.57
CA ALA C 135 23.78 1.56 25.61
C ALA C 135 24.43 1.10 24.31
N PHE C 136 25.54 1.78 23.93
CA PHE C 136 26.28 1.55 22.67
C PHE C 136 25.48 1.83 21.39
N GLY C 137 24.46 2.68 21.48
CA GLY C 137 23.68 3.09 20.31
C GLY C 137 24.50 4.08 19.53
N THR C 138 24.14 4.29 18.27
CA THR C 138 24.88 5.22 17.41
C THR C 138 23.99 5.74 16.28
N HIS C 139 24.06 7.05 15.99
CA HIS C 139 23.29 7.67 14.90
C HIS C 139 24.02 7.40 13.59
N HIS C 140 23.80 6.20 13.06
CA HIS C 140 24.47 5.73 11.83
C HIS C 140 23.75 6.13 10.54
N THR C 141 22.53 6.64 10.65
CA THR C 141 21.73 7.05 9.49
C THR C 141 22.36 8.23 8.76
N LYS C 142 22.37 8.17 7.43
CA LYS C 142 22.96 9.18 6.58
C LYS C 142 21.88 9.60 5.58
N MET C 143 21.39 10.84 5.71
CA MET C 143 20.30 11.33 4.86
C MET C 143 20.40 12.84 4.65
N MET C 144 19.80 13.32 3.55
CA MET C 144 19.62 14.75 3.28
C MET C 144 18.17 15.00 2.97
N LEU C 145 17.62 16.08 3.54
CA LEU C 145 16.33 16.62 3.14
C LEU C 145 16.60 17.98 2.55
N LEU C 146 16.28 18.12 1.27
CA LEU C 146 16.56 19.34 0.53
C LEU C 146 15.25 19.99 0.20
N LEU C 147 14.90 21.04 0.92
CA LEU C 147 13.71 21.80 0.60
C LEU C 147 14.09 22.77 -0.49
N TYR C 148 13.23 22.86 -1.50
CA TYR C 148 13.42 23.74 -2.62
C TYR C 148 12.23 24.68 -2.70
N GLU C 149 12.39 25.74 -3.48
CA GLU C 149 11.30 26.69 -3.80
C GLU C 149 10.13 25.99 -4.50
N GLU C 150 10.48 25.10 -5.42
CA GLU C 150 9.56 24.50 -6.36
C GLU C 150 9.44 22.97 -6.15
N GLY C 151 9.64 22.51 -4.92
CA GLY C 151 9.52 21.08 -4.56
C GLY C 151 10.33 20.66 -3.35
N LEU C 152 10.54 19.34 -3.21
CA LEU C 152 11.47 18.79 -2.22
C LEU C 152 12.06 17.45 -2.70
N ARG C 153 13.23 17.10 -2.16
CA ARG C 153 13.95 15.87 -2.52
C ARG C 153 14.60 15.24 -1.29
N VAL C 154 14.65 13.91 -1.29
CA VAL C 154 15.27 13.10 -0.22
C VAL C 154 16.44 12.33 -0.80
N VAL C 155 17.56 12.33 -0.09
CA VAL C 155 18.76 11.63 -0.50
C VAL C 155 19.15 10.75 0.67
N ILE C 156 19.21 9.45 0.42
CA ILE C 156 19.78 8.49 1.36
C ILE C 156 21.07 7.97 0.74
N HIS C 157 22.15 8.06 1.51
CA HIS C 157 23.51 7.71 1.08
C HIS C 157 24.23 6.98 2.21
N THR C 158 25.50 6.63 1.99
CA THR C 158 26.34 5.96 2.99
C THR C 158 27.53 6.80 3.50
N SER C 159 27.87 7.89 2.79
CA SER C 159 29.06 8.69 3.07
C SER C 159 28.89 9.57 4.29
N ASN C 160 29.90 9.56 5.17
CA ASN C 160 29.98 10.52 6.29
C ASN C 160 30.28 11.88 5.71
N LEU C 161 30.14 12.94 6.52
CA LEU C 161 30.29 14.31 6.01
C LEU C 161 31.69 14.91 6.31
N ILE C 162 32.71 14.19 5.85
CA ILE C 162 34.10 14.62 5.92
C ILE C 162 34.74 14.44 4.53
N HIS C 163 35.79 15.20 4.23
CA HIS C 163 36.40 15.16 2.89
C HIS C 163 36.81 13.76 2.47
N ALA C 164 37.50 13.05 3.37
CA ALA C 164 38.04 11.71 3.12
C ALA C 164 36.99 10.65 2.66
N ASP C 165 35.76 10.80 3.12
CA ASP C 165 34.67 9.85 2.82
C ASP C 165 34.09 10.03 1.42
N TRP C 166 34.35 11.15 0.76
CA TRP C 166 33.93 11.40 -0.61
C TRP C 166 35.08 11.32 -1.61
N HIS C 167 36.28 11.02 -1.11
CA HIS C 167 37.56 11.15 -1.85
C HIS C 167 37.88 9.92 -2.74
N GLN C 168 38.29 8.82 -2.11
CA GLN C 168 38.74 7.62 -2.82
C GLN C 168 38.12 6.36 -2.19
N LYS C 169 36.85 6.49 -1.77
CA LYS C 169 36.04 5.40 -1.25
C LYS C 169 34.87 5.10 -2.19
N THR C 170 34.33 3.89 -2.03
CA THR C 170 33.15 3.43 -2.74
C THR C 170 31.96 3.61 -1.79
N GLN C 171 31.05 4.52 -2.16
CA GLN C 171 29.86 4.84 -1.38
C GLN C 171 28.65 4.84 -2.31
N GLY C 172 27.49 4.50 -1.78
CA GLY C 172 26.24 4.47 -2.56
C GLY C 172 25.33 5.65 -2.26
N ILE C 173 24.55 6.05 -3.27
CA ILE C 173 23.58 7.14 -3.17
C ILE C 173 22.25 6.74 -3.83
N TRP C 174 21.15 6.94 -3.13
CA TRP C 174 19.84 6.95 -3.77
C TRP C 174 19.32 8.38 -3.85
N LEU C 175 18.81 8.78 -5.02
CA LEU C 175 18.17 10.10 -5.21
C LEU C 175 16.69 9.96 -5.46
N SER C 176 15.87 10.58 -4.62
CA SER C 176 14.45 10.65 -4.91
C SER C 176 14.24 11.55 -6.12
N PRO C 177 13.05 11.49 -6.73
CA PRO C 177 12.70 12.56 -7.66
C PRO C 177 12.36 13.85 -6.92
N LEU C 178 12.26 14.96 -7.66
CA LEU C 178 11.71 16.19 -7.10
C LEU C 178 10.23 15.94 -6.77
N TYR C 179 9.86 16.10 -5.50
CA TYR C 179 8.49 15.87 -5.07
C TYR C 179 7.68 17.16 -5.14
N PRO C 180 6.56 17.17 -5.91
CA PRO C 180 5.74 18.39 -5.98
C PRO C 180 4.99 18.74 -4.70
N ARG C 181 4.70 20.01 -4.49
CA ARG C 181 3.83 20.42 -3.41
C ARG C 181 2.38 20.16 -3.82
N ILE C 182 1.55 19.84 -2.84
CA ILE C 182 0.12 19.68 -3.07
C ILE C 182 -0.47 21.09 -2.97
N ALA C 183 -1.38 21.44 -3.88
CA ALA C 183 -2.00 22.78 -3.89
C ALA C 183 -2.91 23.03 -2.69
N ASP C 184 -2.61 24.07 -1.90
CA ASP C 184 -3.35 24.41 -0.65
C ASP C 184 -4.85 24.14 -0.66
N GLY C 185 -5.31 23.38 0.34
CA GLY C 185 -6.71 22.99 0.44
C GLY C 185 -7.07 21.70 -0.29
N THR C 186 -6.30 21.31 -1.32
CA THR C 186 -6.56 20.05 -2.07
C THR C 186 -6.24 18.88 -1.13
N HIS C 187 -6.82 17.72 -1.46
CA HIS C 187 -6.98 16.61 -0.53
C HIS C 187 -6.50 15.33 -1.21
N LYS C 188 -5.18 15.19 -1.25
CA LYS C 188 -4.49 14.02 -1.81
C LYS C 188 -3.46 13.54 -0.80
N SER C 189 -3.47 12.25 -0.46
CA SER C 189 -2.49 11.70 0.47
C SER C 189 -1.06 11.96 0.01
N GLY C 190 -0.85 11.90 -1.31
CA GLY C 190 0.45 12.17 -1.92
C GLY C 190 1.41 11.02 -1.72
N GLU C 191 0.86 9.81 -1.72
CA GLU C 191 1.53 8.62 -1.24
C GLU C 191 1.73 7.66 -2.40
N SER C 192 2.77 6.83 -2.33
CA SER C 192 3.08 5.82 -3.34
C SER C 192 2.56 4.45 -2.92
N PRO C 193 2.51 3.48 -3.86
CA PRO C 193 2.20 2.08 -3.53
C PRO C 193 3.20 1.39 -2.56
N THR C 194 4.41 1.93 -2.49
CA THR C 194 5.43 1.40 -1.60
C THR C 194 5.27 1.95 -0.18
N HIS C 195 4.40 2.96 -0.02
CA HIS C 195 4.07 3.61 1.25
C HIS C 195 5.24 4.42 1.82
N PHE C 196 6.03 5.01 0.94
CA PHE C 196 7.26 5.67 1.34
C PHE C 196 6.98 6.88 2.25
N LYS C 197 6.02 7.73 1.88
CA LYS C 197 5.66 8.93 2.67
C LYS C 197 5.41 8.59 4.12
N ALA C 198 4.53 7.61 4.34
CA ALA C 198 4.14 7.18 5.67
C ALA C 198 5.27 6.51 6.45
N ASN C 199 6.11 5.76 5.74
CA ASN C 199 7.20 5.01 6.36
C ASN C 199 8.32 5.95 6.82
N LEU C 200 8.58 7.01 6.04
CA LEU C 200 9.56 8.03 6.38
C LEU C 200 9.11 8.88 7.56
N ILE C 201 7.83 9.27 7.58
CA ILE C 201 7.25 10.03 8.69
C ILE C 201 7.28 9.26 9.99
N SER C 202 7.00 7.95 9.95
CA SER C 202 7.12 7.09 11.14
C SER C 202 8.53 7.08 11.72
N TYR C 203 9.54 7.12 10.85
CA TYR C 203 10.95 7.18 11.27
C TYR C 203 11.27 8.51 11.94
N LEU C 204 10.93 9.60 11.27
CA LEU C 204 11.17 10.94 11.82
C LEU C 204 10.42 11.18 13.14
N THR C 205 9.33 10.47 13.36
CA THR C 205 8.57 10.55 14.59
C THR C 205 9.29 9.89 15.77
N ALA C 206 9.94 8.75 15.54
CA ALA C 206 10.67 8.05 16.62
C ALA C 206 11.65 8.97 17.37
N TYR C 207 12.37 9.82 16.63
CA TYR C 207 13.28 10.82 17.20
C TYR C 207 12.54 11.62 18.28
N ASN C 208 11.45 12.25 17.87
CA ASN C 208 10.59 13.06 18.74
C ASN C 208 11.11 14.47 19.07
N ALA C 209 12.03 14.98 18.26
CA ALA C 209 12.57 16.32 18.47
C ALA C 209 11.80 17.35 17.65
N PRO C 210 11.66 18.60 18.17
CA PRO C 210 10.75 19.61 17.56
C PRO C 210 11.24 20.42 16.34
N SER C 211 12.54 20.35 16.01
CA SER C 211 13.04 20.96 14.78
C SER C 211 12.78 20.06 13.56
N LEU C 212 12.54 18.76 13.83
CA LEU C 212 12.04 17.79 12.84
C LEU C 212 10.52 17.86 12.62
N LYS C 213 9.81 18.57 13.48
CA LYS C 213 8.39 18.83 13.30
C LYS C 213 8.16 19.64 12.01
N GLU C 214 9.01 20.63 11.76
CA GLU C 214 8.97 21.42 10.51
C GLU C 214 8.97 20.52 9.27
N TRP C 215 9.86 19.53 9.28
CA TRP C 215 10.11 18.64 8.14
C TRP C 215 9.00 17.59 7.92
N ILE C 216 8.56 16.97 9.01
CA ILE C 216 7.38 16.12 8.99
C ILE C 216 6.27 16.91 8.30
N ASP C 217 6.00 18.13 8.78
CA ASP C 217 4.96 18.99 8.17
C ASP C 217 5.25 19.35 6.70
N VAL C 218 6.52 19.60 6.38
CA VAL C 218 6.95 19.83 4.99
C VAL C 218 6.63 18.63 4.10
N ILE C 219 6.88 17.43 4.62
CA ILE C 219 6.61 16.19 3.90
C ILE C 219 5.11 16.04 3.63
N HIS C 220 4.31 16.18 4.67
CA HIS C 220 2.83 16.19 4.57
C HIS C 220 2.27 17.11 3.48
N LYS C 221 2.93 18.24 3.23
CA LYS C 221 2.52 19.16 2.16
C LYS C 221 3.00 18.77 0.75
N HIS C 222 3.78 17.68 0.64
CA HIS C 222 4.37 17.27 -0.63
C HIS C 222 3.90 15.87 -1.09
N ASP C 223 4.08 15.63 -2.38
CA ASP C 223 3.53 14.48 -3.12
C ASP C 223 4.65 13.51 -3.51
N LEU C 224 4.66 12.37 -2.83
CA LEU C 224 5.68 11.35 -2.99
C LEU C 224 5.23 10.11 -3.80
N SER C 225 4.06 10.17 -4.45
CA SER C 225 3.46 9.03 -5.19
C SER C 225 4.35 8.37 -6.27
N GLU C 226 5.31 9.13 -6.79
CA GLU C 226 6.28 8.62 -7.78
C GLU C 226 7.27 7.62 -7.22
N THR C 227 7.55 7.73 -5.92
CA THR C 227 8.53 6.87 -5.25
C THR C 227 8.30 5.37 -5.55
N ASN C 228 9.35 4.71 -6.04
CA ASN C 228 9.31 3.30 -6.45
C ASN C 228 10.19 2.35 -5.61
N VAL C 229 10.68 2.82 -4.47
CA VAL C 229 11.46 1.99 -3.55
C VAL C 229 10.77 1.94 -2.21
N TYR C 230 11.15 0.91 -1.45
CA TYR C 230 10.73 0.71 -0.07
C TYR C 230 11.85 1.10 0.93
N LEU C 231 11.44 1.84 1.96
CA LEU C 231 12.29 2.31 3.04
C LEU C 231 12.41 1.24 4.12
N ILE C 232 13.62 0.94 4.55
CA ILE C 232 13.85 0.10 5.72
C ILE C 232 14.75 0.85 6.68
N GLY C 233 14.12 1.47 7.68
CA GLY C 233 14.84 2.06 8.79
C GLY C 233 15.07 1.06 9.90
N SER C 234 16.04 1.40 10.77
CA SER C 234 16.13 0.87 12.16
C SER C 234 16.12 2.11 13.07
N THR C 235 15.38 2.07 14.18
CA THR C 235 15.33 3.18 15.16
C THR C 235 15.53 2.58 16.55
N PRO C 236 16.13 3.33 17.50
CA PRO C 236 16.44 2.72 18.81
C PRO C 236 15.20 2.31 19.60
N GLY C 237 15.19 1.10 20.15
CA GLY C 237 14.04 0.66 20.95
C GLY C 237 13.95 -0.81 21.29
N ARG C 238 12.77 -1.19 21.80
CA ARG C 238 12.44 -2.56 22.24
C ARG C 238 10.98 -2.85 21.76
N PHE C 239 10.83 -3.66 20.70
CA PHE C 239 9.61 -3.66 19.85
C PHE C 239 8.72 -4.93 19.84
N GLN C 240 7.46 -4.76 20.26
CA GLN C 240 6.58 -5.88 20.64
C GLN C 240 5.39 -6.13 19.70
N GLY C 241 5.22 -7.39 19.29
CA GLY C 241 4.00 -7.89 18.66
C GLY C 241 3.75 -7.41 17.24
N SER C 242 2.91 -6.38 17.11
CA SER C 242 2.63 -5.70 15.83
C SER C 242 3.77 -4.73 15.46
N GLN C 243 4.33 -4.10 16.48
CA GLN C 243 5.45 -3.16 16.34
C GLN C 243 6.69 -3.73 15.64
N LYS C 244 6.87 -5.04 15.73
CA LYS C 244 8.11 -5.71 15.33
C LYS C 244 8.44 -5.53 13.86
N ASP C 245 7.41 -5.56 13.02
CA ASP C 245 7.59 -5.40 11.57
C ASP C 245 7.92 -3.98 11.10
N ASN C 246 7.85 -3.00 11.99
CA ASN C 246 8.17 -1.61 11.62
C ASN C 246 9.65 -1.38 11.28
N TRP C 247 10.54 -1.99 12.08
CA TRP C 247 11.98 -1.69 12.05
C TRP C 247 12.82 -2.95 11.92
N GLY C 248 14.06 -2.77 11.48
CA GLY C 248 15.08 -3.82 11.51
C GLY C 248 14.98 -4.84 10.40
N HIS C 249 15.49 -6.04 10.65
CA HIS C 249 15.37 -7.15 9.69
C HIS C 249 14.00 -7.82 9.70
N PHE C 250 13.24 -7.61 10.77
CA PHE C 250 11.83 -8.01 10.83
C PHE C 250 10.96 -7.10 9.96
N ARG C 251 11.45 -5.87 9.72
CA ARG C 251 10.93 -4.97 8.68
C ARG C 251 11.24 -5.48 7.29
N LEU C 252 12.47 -5.95 7.08
CA LEU C 252 12.85 -6.61 5.83
C LEU C 252 12.04 -7.88 5.55
N LYS C 253 11.89 -8.75 6.56
CA LYS C 253 11.03 -9.96 6.47
C LYS C 253 9.73 -9.63 5.81
N LYS C 254 9.05 -8.66 6.40
CA LYS C 254 7.66 -8.37 6.07
C LYS C 254 7.46 -7.85 4.66
N LEU C 255 8.42 -7.06 4.17
CA LEU C 255 8.36 -6.57 2.79
C LEU C 255 8.64 -7.71 1.79
N LEU C 256 9.60 -8.58 2.12
CA LEU C 256 9.91 -9.78 1.31
C LEU C 256 8.81 -10.84 1.29
N LYS C 257 8.06 -10.91 2.38
CA LYS C 257 6.90 -11.78 2.48
C LYS C 257 5.79 -11.29 1.53
N ASP C 258 5.49 -9.99 1.62
CA ASP C 258 4.30 -9.43 1.00
C ASP C 258 4.46 -8.98 -0.46
N HIS C 259 5.66 -8.52 -0.87
CA HIS C 259 5.82 -7.93 -2.21
C HIS C 259 6.93 -8.54 -3.07
N ALA C 260 7.42 -9.72 -2.66
CA ALA C 260 8.35 -10.51 -3.47
C ALA C 260 7.78 -11.92 -3.65
N SER C 261 7.99 -12.46 -4.85
CA SER C 261 7.43 -13.73 -5.27
C SER C 261 8.46 -14.83 -5.03
N SER C 262 8.04 -15.94 -4.41
CA SER C 262 8.90 -17.11 -4.23
C SER C 262 9.20 -17.81 -5.55
N MET C 263 10.49 -17.91 -5.88
CA MET C 263 10.93 -18.52 -7.12
C MET C 263 10.98 -20.04 -6.94
N PRO C 264 11.05 -20.79 -8.06
CA PRO C 264 11.37 -22.23 -7.96
C PRO C 264 12.85 -22.44 -7.66
N ASN C 265 13.18 -23.62 -7.13
CA ASN C 265 14.53 -23.98 -6.60
C ASN C 265 15.31 -22.88 -5.83
N ALA C 266 14.59 -22.12 -5.00
CA ALA C 266 15.13 -20.96 -4.26
C ALA C 266 16.20 -21.30 -3.20
N GLU C 267 16.41 -22.58 -2.93
CA GLU C 267 17.55 -23.03 -2.11
C GLU C 267 18.89 -22.78 -2.84
N SER C 268 18.86 -22.71 -4.17
CA SER C 268 20.04 -22.37 -4.95
C SER C 268 20.24 -20.88 -5.18
N TRP C 269 19.29 -20.04 -4.75
CA TRP C 269 19.41 -18.57 -4.83
C TRP C 269 20.12 -18.01 -3.57
N PRO C 270 21.43 -17.68 -3.68
CA PRO C 270 22.22 -17.34 -2.49
C PRO C 270 21.95 -15.95 -1.89
N VAL C 271 22.59 -15.65 -0.77
CA VAL C 271 22.52 -14.33 -0.15
C VAL C 271 23.90 -13.71 -0.24
N VAL C 272 23.95 -12.40 -0.45
CA VAL C 272 25.21 -11.67 -0.50
C VAL C 272 25.09 -10.46 0.43
N GLY C 273 26.03 -10.38 1.37
CA GLY C 273 26.16 -9.22 2.24
C GLY C 273 27.50 -8.57 1.96
N GLN C 274 27.48 -7.28 1.65
CA GLN C 274 28.68 -6.48 1.48
C GLN C 274 28.62 -5.34 2.52
N PHE C 275 29.67 -5.20 3.32
CA PHE C 275 29.67 -4.27 4.46
C PHE C 275 31.09 -3.78 4.77
N SER C 276 31.15 -2.75 5.60
CA SER C 276 32.41 -2.14 6.04
C SER C 276 32.79 -2.43 7.49
N SER C 277 31.93 -3.10 8.24
CA SER C 277 32.22 -3.41 9.64
C SER C 277 31.40 -4.62 10.12
N VAL C 278 31.89 -5.29 11.16
CA VAL C 278 31.19 -6.41 11.82
C VAL C 278 31.11 -6.17 13.34
N GLY C 279 29.98 -6.50 13.95
CA GLY C 279 29.80 -6.42 15.41
C GLY C 279 30.13 -7.72 16.12
N SER C 280 29.74 -7.81 17.38
CA SER C 280 29.87 -9.05 18.15
C SER C 280 28.66 -9.93 17.84
N LEU C 281 28.90 -11.17 17.39
CA LEU C 281 27.84 -12.04 16.83
C LEU C 281 27.54 -13.35 17.58
N GLY C 282 28.28 -13.64 18.66
CA GLY C 282 28.13 -14.88 19.43
C GLY C 282 29.29 -15.85 19.25
N ALA C 283 29.13 -17.05 19.82
CA ALA C 283 30.16 -18.09 19.75
C ALA C 283 30.10 -18.95 18.47
N ASP C 284 28.94 -19.05 17.85
CA ASP C 284 28.78 -19.79 16.59
C ASP C 284 27.80 -19.08 15.65
N GLU C 285 27.62 -19.64 14.45
CA GLU C 285 26.73 -19.03 13.46
C GLU C 285 25.24 -19.07 13.84
N SER C 286 24.79 -20.18 14.43
CA SER C 286 23.37 -20.38 14.77
C SER C 286 22.81 -19.45 15.87
N LYS C 287 23.69 -18.79 16.61
CA LYS C 287 23.30 -17.73 17.56
C LYS C 287 22.41 -16.63 16.95
N TRP C 288 22.90 -15.99 15.89
CA TRP C 288 22.23 -14.82 15.30
C TRP C 288 22.31 -14.77 13.78
N LEU C 289 23.52 -14.87 13.25
CA LEU C 289 23.76 -14.79 11.80
C LEU C 289 22.94 -15.77 10.98
N CYS C 290 22.97 -17.07 11.34
CA CYS C 290 22.27 -18.09 10.56
C CYS C 290 20.89 -18.50 11.12
N SER C 291 20.41 -17.79 12.15
CA SER C 291 19.04 -17.95 12.67
C SER C 291 18.13 -16.78 12.27
N GLU C 292 18.22 -15.67 13.00
CA GLU C 292 17.27 -14.55 12.86
C GLU C 292 17.66 -13.47 11.83
N PHE C 293 18.94 -13.43 11.45
CA PHE C 293 19.38 -12.61 10.33
C PHE C 293 19.14 -13.38 9.02
N LYS C 294 19.68 -14.59 8.90
CA LYS C 294 19.59 -15.36 7.65
C LYS C 294 18.16 -15.61 7.20
N GLU C 295 17.32 -16.07 8.12
CA GLU C 295 15.91 -16.31 7.79
C GLU C 295 15.27 -15.07 7.19
N SER C 296 15.42 -13.93 7.86
CA SER C 296 14.85 -12.66 7.39
C SER C 296 15.17 -12.32 5.92
N MET C 297 16.39 -12.66 5.49
CA MET C 297 16.90 -12.33 4.15
C MET C 297 16.53 -13.38 3.11
N LEU C 298 16.39 -14.63 3.55
CA LEU C 298 15.94 -15.69 2.65
C LEU C 298 14.41 -15.79 2.42
N THR C 299 13.61 -15.05 3.19
CA THR C 299 12.17 -14.96 2.96
C THR C 299 11.87 -14.56 1.50
N LEU C 300 10.97 -15.29 0.84
CA LEU C 300 10.36 -14.87 -0.44
C LEU C 300 8.89 -15.30 -0.53
N GLY C 301 7.98 -14.34 -0.54
CA GLY C 301 6.55 -14.64 -0.50
C GLY C 301 6.09 -15.27 0.82
N LYS C 302 5.04 -16.10 0.72
CA LYS C 302 4.57 -16.93 1.83
C LYS C 302 4.08 -18.28 1.31
N SER C 310 19.16 -23.46 6.52
CA SER C 310 19.22 -24.13 5.23
C SER C 310 20.59 -23.96 4.54
N SER C 311 20.86 -24.83 3.57
CA SER C 311 22.10 -24.77 2.77
C SER C 311 21.97 -23.73 1.64
N VAL C 312 21.63 -22.49 2.02
CA VAL C 312 21.47 -21.37 1.10
C VAL C 312 22.80 -20.65 1.17
N PRO C 313 23.62 -20.70 0.09
CA PRO C 313 25.00 -20.18 0.20
C PRO C 313 25.04 -18.75 0.75
N LEU C 314 26.01 -18.48 1.62
CA LEU C 314 26.19 -17.14 2.18
C LEU C 314 27.58 -16.65 1.81
N TYR C 315 27.62 -15.51 1.12
CA TYR C 315 28.87 -14.87 0.70
C TYR C 315 28.95 -13.50 1.35
N LEU C 316 29.84 -13.36 2.33
CA LEU C 316 30.05 -12.08 3.00
C LEU C 316 31.23 -11.39 2.34
N ILE C 317 31.12 -10.07 2.15
CA ILE C 317 32.14 -9.25 1.43
C ILE C 317 32.72 -8.16 2.35
N TYR C 318 33.87 -8.51 2.92
CA TYR C 318 34.68 -7.61 3.72
C TYR C 318 36.08 -7.53 3.09
N PRO C 319 36.70 -6.33 3.09
CA PRO C 319 38.01 -6.22 2.44
C PRO C 319 39.14 -6.98 3.14
N SER C 320 39.98 -7.66 2.36
CA SER C 320 41.19 -8.31 2.88
C SER C 320 42.20 -7.26 3.32
N VAL C 321 43.29 -7.68 3.95
CA VAL C 321 44.39 -6.78 4.31
C VAL C 321 45.12 -6.31 3.04
N GLU C 322 45.21 -7.23 2.08
CA GLU C 322 45.79 -6.93 0.80
C GLU C 322 44.95 -5.91 0.03
N ASN C 323 43.62 -6.01 0.12
CA ASN C 323 42.72 -5.01 -0.48
C ASN C 323 42.98 -3.60 0.06
N VAL C 324 43.30 -3.51 1.35
CA VAL C 324 43.56 -2.21 1.98
C VAL C 324 44.94 -1.70 1.59
N ARG C 325 45.98 -2.48 1.86
CA ARG C 325 47.36 -2.08 1.50
C ARG C 325 47.49 -1.55 0.04
N THR C 326 46.92 -2.31 -0.90
CA THR C 326 47.03 -2.05 -2.33
C THR C 326 45.93 -1.11 -2.82
N SER C 327 45.28 -0.38 -1.92
CA SER C 327 44.25 0.57 -2.29
C SER C 327 44.88 1.91 -2.62
N LEU C 328 44.02 2.85 -3.01
CA LEU C 328 44.43 4.23 -3.27
C LEU C 328 44.73 5.02 -1.96
N GLU C 329 43.90 4.86 -0.94
CA GLU C 329 44.14 5.50 0.36
C GLU C 329 45.34 4.92 1.09
N GLY C 330 45.63 3.64 0.79
CA GLY C 330 46.66 2.90 1.48
C GLY C 330 46.08 2.25 2.73
N TYR C 331 46.91 2.12 3.77
CA TYR C 331 46.46 1.62 5.07
C TYR C 331 45.39 2.53 5.75
N PRO C 332 45.49 3.88 5.61
CA PRO C 332 44.49 4.75 6.27
C PRO C 332 43.04 4.64 5.79
N ALA C 333 42.76 3.84 4.76
CA ALA C 333 41.40 3.33 4.53
C ALA C 333 40.89 2.60 5.76
N GLY C 334 41.78 1.81 6.34
CA GLY C 334 41.52 1.06 7.56
C GLY C 334 40.99 1.78 8.79
N GLY C 335 41.18 3.10 8.85
CA GLY C 335 40.57 3.94 9.88
C GLY C 335 39.06 4.03 9.76
N SER C 336 38.52 3.72 8.57
CA SER C 336 37.07 3.61 8.32
C SER C 336 36.62 2.13 8.11
N LEU C 337 37.28 1.20 8.79
CA LEU C 337 36.94 -0.23 8.75
C LEU C 337 37.10 -0.84 10.15
N PRO C 338 36.29 -0.36 11.13
CA PRO C 338 36.60 -0.58 12.56
C PRO C 338 36.31 -1.97 13.19
N TYR C 339 36.77 -3.05 12.56
CA TYR C 339 36.68 -4.40 13.13
C TYR C 339 37.84 -4.63 14.11
N SER C 340 37.53 -4.83 15.40
CA SER C 340 38.58 -5.01 16.44
C SER C 340 39.07 -6.46 16.57
N ILE C 341 40.34 -6.62 16.96
CA ILE C 341 40.96 -7.94 17.15
C ILE C 341 40.32 -8.76 18.28
N GLN C 342 39.76 -8.06 19.26
CA GLN C 342 39.12 -8.67 20.42
C GLN C 342 37.74 -9.23 20.03
N THR C 343 36.97 -8.43 19.29
CA THR C 343 35.71 -8.86 18.68
C THR C 343 35.91 -9.98 17.64
N ALA C 344 36.99 -9.86 16.87
CA ALA C 344 37.30 -10.81 15.81
C ALA C 344 37.72 -12.18 16.31
N GLU C 345 38.56 -12.21 17.35
CA GLU C 345 39.09 -13.47 17.88
C GLU C 345 38.04 -14.40 18.52
N LYS C 346 36.92 -13.83 18.99
CA LYS C 346 35.80 -14.63 19.53
C LYS C 346 35.01 -15.42 18.48
N GLN C 347 35.15 -15.09 17.20
CA GLN C 347 34.29 -15.63 16.14
C GLN C 347 35.08 -15.96 14.89
N ASN C 348 36.09 -16.83 15.04
CA ASN C 348 36.95 -17.27 13.93
C ASN C 348 36.22 -18.15 12.91
N TRP C 349 35.14 -18.79 13.35
CA TRP C 349 34.18 -19.45 12.47
C TRP C 349 33.60 -18.55 11.35
N LEU C 350 33.39 -17.27 11.65
CA LEU C 350 32.80 -16.30 10.68
C LEU C 350 33.65 -16.07 9.44
N HIS C 351 34.96 -16.08 9.59
CA HIS C 351 35.88 -15.67 8.53
C HIS C 351 35.93 -16.71 7.42
N SER C 352 35.55 -17.95 7.71
CA SER C 352 35.34 -19.00 6.70
C SER C 352 34.47 -18.54 5.52
N TYR C 353 33.45 -17.72 5.81
CA TYR C 353 32.53 -17.11 4.82
C TYR C 353 33.04 -15.87 4.03
N PHE C 354 34.19 -15.31 4.39
CA PHE C 354 34.61 -14.01 3.87
C PHE C 354 35.11 -14.07 2.42
N HIS C 355 34.70 -13.11 1.61
CA HIS C 355 35.10 -12.96 0.20
C HIS C 355 35.72 -11.56 -0.02
N LYS C 356 36.70 -11.46 -0.90
CA LYS C 356 37.42 -10.19 -1.06
C LYS C 356 36.61 -9.13 -1.81
N TRP C 357 37.05 -7.89 -1.70
CA TRP C 357 36.47 -6.76 -2.44
C TRP C 357 37.07 -6.64 -3.85
N SER C 358 36.26 -6.96 -4.86
CA SER C 358 36.65 -6.82 -6.26
C SER C 358 35.54 -6.02 -6.97
N ALA C 359 35.94 -4.99 -7.74
CA ALA C 359 34.97 -4.10 -8.39
C ALA C 359 35.46 -3.47 -9.72
N GLU C 360 35.84 -4.35 -10.65
CA GLU C 360 36.33 -3.98 -11.98
C GLU C 360 35.20 -3.42 -12.87
N THR C 361 33.99 -3.93 -12.65
CA THR C 361 32.80 -3.44 -13.34
C THR C 361 32.59 -1.92 -13.20
N SER C 362 32.78 -1.40 -11.99
CA SER C 362 32.75 0.05 -11.70
C SER C 362 34.16 0.71 -11.60
N GLY C 363 35.21 -0.13 -11.64
CA GLY C 363 36.59 0.31 -11.63
C GLY C 363 37.06 0.77 -10.27
N ARG C 364 36.48 0.19 -9.22
CA ARG C 364 36.68 0.61 -7.81
C ARG C 364 37.35 -0.48 -6.97
N SER C 365 38.13 -1.36 -7.60
CA SER C 365 38.78 -2.43 -6.84
C SER C 365 39.81 -1.90 -5.84
N ASN C 366 40.24 -0.65 -6.05
CA ASN C 366 41.16 0.04 -5.18
C ASN C 366 40.55 1.16 -4.35
N ALA C 367 39.25 1.42 -4.49
CA ALA C 367 38.55 2.37 -3.63
C ALA C 367 37.73 1.58 -2.63
N MET C 368 38.12 1.65 -1.36
CA MET C 368 37.59 0.75 -0.35
C MET C 368 36.11 1.01 -0.06
N PRO C 369 35.38 -0.06 0.29
CA PRO C 369 33.98 0.12 0.63
C PRO C 369 33.73 0.77 1.98
N HIS C 370 32.98 1.85 1.97
CA HIS C 370 32.23 2.32 3.12
C HIS C 370 30.72 2.27 2.78
N ILE C 371 30.39 1.67 1.62
CA ILE C 371 29.03 1.30 1.23
C ILE C 371 28.67 -0.04 1.85
N LYS C 372 27.40 -0.23 2.16
CA LYS C 372 26.89 -1.47 2.74
C LYS C 372 25.63 -1.88 1.99
N THR C 373 25.68 -3.03 1.35
CA THR C 373 24.59 -3.51 0.49
C THR C 373 24.30 -4.97 0.75
N TYR C 374 23.03 -5.34 0.62
CA TYR C 374 22.64 -6.73 0.69
C TYR C 374 21.68 -7.01 -0.47
N MET C 375 21.80 -8.21 -1.05
CA MET C 375 21.02 -8.59 -2.24
C MET C 375 20.86 -10.11 -2.43
N ARG C 376 19.95 -10.48 -3.34
CA ARG C 376 19.58 -11.88 -3.57
C ARG C 376 19.83 -12.33 -5.02
N PRO C 377 21.03 -12.85 -5.33
CA PRO C 377 21.28 -13.19 -6.72
C PRO C 377 20.70 -14.54 -7.09
N SER C 378 20.71 -14.82 -8.39
CA SER C 378 20.35 -16.13 -8.95
C SER C 378 21.46 -17.16 -8.64
N PRO C 379 21.27 -18.44 -9.05
CA PRO C 379 22.39 -19.39 -8.98
C PRO C 379 23.54 -18.99 -9.90
N ASP C 380 23.22 -18.63 -11.13
CA ASP C 380 24.22 -18.19 -12.10
C ASP C 380 24.48 -16.66 -12.12
N PHE C 381 23.97 -15.92 -11.14
CA PHE C 381 24.26 -14.49 -10.95
C PHE C 381 23.96 -13.56 -12.14
N SER C 382 23.09 -13.98 -13.06
CA SER C 382 22.76 -13.17 -14.25
C SER C 382 21.62 -12.20 -13.98
N LYS C 383 20.93 -12.42 -12.86
CA LYS C 383 19.84 -11.56 -12.40
C LYS C 383 19.73 -11.66 -10.88
N ILE C 384 18.93 -10.79 -10.28
CA ILE C 384 18.74 -10.74 -8.82
C ILE C 384 17.27 -10.51 -8.48
N ALA C 385 16.86 -10.98 -7.30
CA ALA C 385 15.46 -10.89 -6.83
C ALA C 385 15.14 -9.58 -6.08
N TRP C 386 16.16 -9.00 -5.45
CA TRP C 386 16.09 -7.68 -4.85
C TRP C 386 17.50 -7.17 -4.56
N PHE C 387 17.61 -5.86 -4.39
CA PHE C 387 18.85 -5.23 -3.96
C PHE C 387 18.44 -4.23 -2.90
N LEU C 388 19.40 -3.89 -2.05
CA LEU C 388 19.22 -2.87 -1.03
C LEU C 388 20.55 -2.19 -0.72
N VAL C 389 20.51 -0.88 -0.54
CA VAL C 389 21.63 -0.18 0.04
C VAL C 389 21.15 0.53 1.31
N THR C 390 21.96 0.38 2.35
CA THR C 390 21.64 0.82 3.70
C THR C 390 22.94 1.26 4.39
N SER C 391 22.77 1.99 5.50
CA SER C 391 23.87 2.44 6.36
C SER C 391 24.30 1.37 7.39
N ALA C 392 23.70 0.19 7.29
CA ALA C 392 23.72 -0.82 8.33
C ALA C 392 24.81 -1.86 8.10
N ASN C 393 25.72 -1.97 9.06
CA ASN C 393 26.78 -2.97 9.02
C ASN C 393 26.23 -4.32 9.46
N LEU C 394 27.11 -5.32 9.59
CA LEU C 394 26.74 -6.66 10.06
C LEU C 394 26.80 -6.77 11.59
N SER C 395 25.95 -5.98 12.26
CA SER C 395 25.89 -5.94 13.71
C SER C 395 24.46 -6.04 14.22
N LYS C 396 24.32 -6.60 15.42
CA LYS C 396 23.03 -6.65 16.11
C LYS C 396 22.50 -5.23 16.42
N ALA C 397 23.38 -4.32 16.80
CA ALA C 397 23.01 -2.91 17.09
C ALA C 397 22.23 -2.24 15.96
N ALA C 398 22.65 -2.52 14.72
CA ALA C 398 22.08 -1.91 13.52
C ALA C 398 20.86 -2.66 13.02
N TRP C 399 20.88 -3.99 13.14
CA TRP C 399 19.86 -4.86 12.53
C TRP C 399 18.71 -5.29 13.45
N GLY C 400 19.03 -5.88 14.60
CA GLY C 400 17.99 -6.30 15.56
C GLY C 400 18.24 -7.62 16.28
N ALA C 401 17.93 -7.63 17.58
CA ALA C 401 18.18 -8.77 18.47
C ALA C 401 16.90 -9.13 19.24
N LEU C 402 16.53 -10.41 19.23
CA LEU C 402 15.34 -10.91 19.92
C LEU C 402 15.57 -11.15 21.41
N GLU C 403 15.00 -10.29 22.25
CA GLU C 403 15.00 -10.48 23.70
C GLU C 403 13.65 -11.02 24.16
N LYS C 404 13.66 -11.65 25.34
CA LYS C 404 12.47 -12.24 25.96
C LYS C 404 11.77 -13.30 25.08
N ASN C 405 12.58 -14.10 24.36
CA ASN C 405 12.13 -15.23 23.53
C ASN C 405 11.09 -14.90 22.45
N GLY C 406 11.49 -14.10 21.47
CA GLY C 406 10.60 -13.69 20.40
C GLY C 406 9.54 -12.66 20.72
N THR C 407 9.43 -12.20 21.99
CA THR C 407 8.37 -11.24 22.41
C THR C 407 8.59 -9.88 21.78
N GLN C 408 9.83 -9.43 21.87
CA GLN C 408 10.25 -8.15 21.34
C GLN C 408 11.53 -8.27 20.51
N LEU C 409 11.76 -7.23 19.72
CA LEU C 409 12.97 -7.06 18.93
C LEU C 409 13.67 -5.84 19.50
N MET C 410 15.00 -5.93 19.64
CA MET C 410 15.82 -4.84 20.20
C MET C 410 16.80 -4.23 19.17
N ILE C 411 16.72 -2.91 19.04
CA ILE C 411 17.56 -2.13 18.15
C ILE C 411 18.23 -1.04 18.98
N ARG C 412 19.54 -0.94 18.86
CA ARG C 412 20.35 0.06 19.56
C ARG C 412 20.50 1.38 18.77
N SER C 413 20.73 1.23 17.47
CA SER C 413 21.23 2.32 16.61
C SER C 413 20.14 2.89 15.71
N TYR C 414 20.37 4.09 15.20
CA TYR C 414 19.63 4.61 14.03
C TYR C 414 20.29 4.12 12.73
N GLU C 415 19.49 3.57 11.81
CA GLU C 415 19.99 3.08 10.50
C GLU C 415 18.92 3.35 9.45
N LEU C 416 19.30 3.45 8.16
CA LEU C 416 18.32 3.75 7.10
C LEU C 416 18.80 3.44 5.69
N GLY C 417 18.01 2.62 4.97
CA GLY C 417 18.29 2.25 3.56
C GLY C 417 17.10 2.20 2.62
N VAL C 418 17.36 1.79 1.38
CA VAL C 418 16.32 1.68 0.32
C VAL C 418 16.33 0.28 -0.28
N LEU C 419 15.14 -0.26 -0.53
CA LEU C 419 14.99 -1.59 -1.07
C LEU C 419 14.38 -1.51 -2.47
N PHE C 420 15.13 -2.05 -3.42
CA PHE C 420 14.70 -2.16 -4.79
C PHE C 420 14.04 -3.51 -5.00
N LEU C 421 12.76 -3.50 -5.37
CA LEU C 421 11.96 -4.70 -5.58
C LEU C 421 11.38 -4.78 -6.99
N PRO C 422 11.52 -5.94 -7.67
CA PRO C 422 10.94 -6.05 -9.01
C PRO C 422 9.41 -5.84 -9.10
N SER C 423 8.67 -6.23 -8.07
CA SER C 423 7.22 -5.99 -8.00
C SER C 423 6.88 -4.52 -8.23
N ALA C 424 7.68 -3.64 -7.65
CA ALA C 424 7.49 -2.20 -7.80
C ALA C 424 7.60 -1.67 -9.23
N LEU C 425 8.29 -2.41 -10.11
CA LEU C 425 8.34 -2.06 -11.53
C LEU C 425 7.60 -3.06 -12.43
N GLY C 426 6.70 -3.84 -11.81
CA GLY C 426 5.94 -4.86 -12.50
C GLY C 426 6.75 -5.99 -13.11
N LEU C 427 7.92 -6.27 -12.53
CA LEU C 427 8.76 -7.37 -12.98
C LEU C 427 8.83 -8.40 -11.87
N ASP C 428 9.51 -9.50 -12.16
CA ASP C 428 9.75 -10.57 -11.19
C ASP C 428 11.19 -10.56 -10.68
N SER C 429 12.14 -10.16 -11.53
CA SER C 429 13.55 -10.01 -11.14
C SER C 429 14.22 -8.87 -11.95
N PHE C 430 15.49 -8.59 -11.65
CA PHE C 430 16.31 -7.62 -12.41
C PHE C 430 17.51 -8.33 -13.03
N LYS C 431 17.81 -8.08 -14.30
CA LYS C 431 19.11 -8.48 -14.89
C LYS C 431 20.26 -7.64 -14.33
N VAL C 432 21.49 -8.11 -14.51
CA VAL C 432 22.68 -7.42 -13.99
C VAL C 432 23.57 -6.88 -15.13
N LYS C 433 23.99 -5.62 -15.05
CA LYS C 433 24.96 -5.07 -16.03
C LYS C 433 26.31 -5.80 -15.99
N GLN C 434 26.70 -6.41 -17.11
CA GLN C 434 27.96 -7.17 -17.20
C GLN C 434 28.66 -6.96 -18.54
N ALA C 445 16.51 -1.03 -17.24
CA ALA C 445 15.85 -2.25 -16.73
C ALA C 445 16.82 -3.27 -16.10
N THR C 446 18.13 -3.08 -16.29
CA THR C 446 19.17 -3.86 -15.61
C THR C 446 19.73 -3.08 -14.42
N PHE C 447 19.87 -3.76 -13.27
CA PHE C 447 20.34 -3.11 -12.06
C PHE C 447 21.86 -2.98 -12.08
N PRO C 448 22.37 -1.79 -11.67
CA PRO C 448 23.81 -1.54 -11.71
C PRO C 448 24.54 -1.96 -10.43
N VAL C 449 25.09 -3.16 -10.43
CA VAL C 449 25.76 -3.70 -9.24
C VAL C 449 27.20 -3.14 -9.19
N PRO C 450 27.60 -2.55 -8.04
CA PRO C 450 28.93 -1.95 -7.93
C PRO C 450 30.10 -2.94 -7.97
N TYR C 451 29.89 -4.14 -7.44
CA TYR C 451 30.96 -5.13 -7.32
C TYR C 451 30.80 -6.26 -8.30
N ASP C 452 31.89 -7.00 -8.46
CA ASP C 452 31.98 -8.12 -9.41
C ASP C 452 31.28 -9.36 -8.86
N LEU C 453 30.83 -10.19 -9.79
CA LEU C 453 30.13 -11.43 -9.49
C LEU C 453 30.63 -12.53 -10.42
N PRO C 454 30.88 -13.74 -9.90
CA PRO C 454 30.73 -14.21 -8.51
C PRO C 454 31.89 -13.78 -7.61
N PRO C 455 31.63 -13.43 -6.33
CA PRO C 455 32.70 -12.93 -5.45
C PRO C 455 33.78 -13.99 -5.19
N GLU C 456 35.05 -13.59 -5.14
CA GLU C 456 36.15 -14.52 -4.92
C GLU C 456 36.33 -14.74 -3.43
N LEU C 457 36.47 -15.99 -3.01
CA LEU C 457 36.80 -16.32 -1.63
C LEU C 457 38.21 -15.78 -1.35
N TYR C 458 38.50 -15.50 -0.08
CA TYR C 458 39.86 -15.14 0.34
C TYR C 458 40.82 -16.27 -0.07
N GLY C 459 42.08 -15.93 -0.33
CA GLY C 459 43.12 -16.95 -0.56
C GLY C 459 43.54 -17.62 0.76
N SER C 460 44.31 -18.70 0.69
CA SER C 460 44.83 -19.35 1.89
C SER C 460 45.63 -18.39 2.79
N LYS C 461 46.29 -17.41 2.18
CA LYS C 461 47.08 -16.39 2.91
C LYS C 461 46.27 -15.18 3.42
N ASP C 462 45.35 -14.66 2.61
CA ASP C 462 44.54 -13.48 2.95
C ASP C 462 43.88 -13.52 4.34
N ARG C 463 43.96 -12.39 5.05
CA ARG C 463 43.28 -12.18 6.33
C ARG C 463 42.25 -11.08 6.15
N PRO C 464 41.27 -11.00 7.07
CA PRO C 464 40.40 -9.83 7.09
C PRO C 464 41.11 -8.62 7.66
N TRP C 465 40.68 -7.43 7.27
CA TRP C 465 41.16 -6.19 7.86
C TRP C 465 40.77 -6.04 9.35
N ILE C 466 41.76 -6.12 10.23
CA ILE C 466 41.59 -5.80 11.64
C ILE C 466 42.22 -4.41 11.83
N TRP C 467 41.44 -3.46 12.32
CA TRP C 467 41.87 -2.06 12.36
C TRP C 467 42.98 -1.75 13.36
N ASN C 468 42.98 -2.48 14.48
CA ASN C 468 43.87 -2.16 15.61
C ASN C 468 44.88 -3.27 15.84
N ILE C 469 45.68 -3.56 14.82
CA ILE C 469 46.91 -4.32 15.03
C ILE C 469 48.04 -3.72 14.18
N PRO C 470 49.30 -4.16 14.42
CA PRO C 470 50.38 -3.78 13.52
C PRO C 470 50.36 -4.53 12.17
N TYR C 471 50.54 -3.76 11.09
CA TYR C 471 50.85 -4.28 9.76
C TYR C 471 52.18 -3.66 9.35
N VAL C 472 53.23 -4.48 9.40
CA VAL C 472 54.60 -3.99 9.27
C VAL C 472 55.51 -4.82 8.34
N LYS C 473 54.97 -5.78 7.60
CA LYS C 473 55.78 -6.62 6.69
C LYS C 473 55.87 -6.06 5.28
N ALA C 474 54.87 -5.29 4.85
CA ALA C 474 54.84 -4.70 3.50
C ALA C 474 54.28 -3.28 3.53
N PRO C 475 54.76 -2.40 2.62
CA PRO C 475 54.25 -1.02 2.53
C PRO C 475 52.99 -0.83 1.68
N ASP C 476 52.20 0.21 1.99
CA ASP C 476 51.06 0.61 1.16
C ASP C 476 51.48 1.52 -0.01
N THR C 477 50.52 1.96 -0.83
CA THR C 477 50.75 2.83 -2.01
C THR C 477 51.38 4.20 -1.72
N HIS C 478 51.27 4.64 -0.48
CA HIS C 478 51.91 5.85 0.00
C HIS C 478 53.22 5.58 0.79
N GLY C 479 53.76 4.36 0.70
CA GLY C 479 55.05 4.01 1.30
C GLY C 479 55.12 3.94 2.82
N ASN C 480 54.07 3.42 3.45
CA ASN C 480 53.95 3.40 4.91
C ASN C 480 53.56 2.04 5.49
N MET C 481 53.89 1.85 6.76
CA MET C 481 53.39 0.71 7.54
C MET C 481 52.18 1.20 8.38
N TRP C 482 51.71 0.35 9.31
CA TRP C 482 50.57 0.67 10.19
C TRP C 482 50.92 0.37 11.66
N VAL C 483 50.78 1.39 12.53
CA VAL C 483 50.92 1.27 13.99
C VAL C 483 49.74 2.02 14.63
N PRO C 484 48.81 1.30 15.31
CA PRO C 484 47.59 1.90 15.84
C PRO C 484 47.78 2.50 17.24
N SER C 485 47.03 3.56 17.55
CA SER C 485 47.15 4.28 18.83
C SER C 485 45.90 5.14 19.16
#